data_6CP0
#
_entry.id   6CP0
#
_cell.length_a   135.550
_cell.length_b   142.203
_cell.length_c   118.338
_cell.angle_alpha   90.00
_cell.angle_beta   90.00
_cell.angle_gamma   90.00
#
_symmetry.space_group_name_H-M   'C 2 2 21'
#
loop_
_entity.id
_entity.type
_entity.pdbx_description
1 polymer SdcA
2 polymer 'Ubiquitin-conjugating enzyme E2 D3'
3 water water
#
loop_
_entity_poly.entity_id
_entity_poly.type
_entity_poly.pdbx_seq_one_letter_code
_entity_poly.pdbx_strand_id
1 'polypeptide(L)'
;MMNMVDKIKFKEPERCEYLHIAKDNKVHILLPIVGGDEIGLDNTAETTGELLTFFYGKTHGGTKYSAEHHLNEYKKNLED
DIKAIGVQRKISPNAYEDLLKEKKERLEQIEKYIDLIKVLKEKFDEQREIDKLRTEGIPQLPSGVKEVIKSSENAFALRL
SPDRPDSFTRFDDPLFSLKRNRSQYEAGGYQRATDGLGARLRSELLPPDKDTPIVFNKKSLKDKIVDSVLVQLDKDFNTK
DGDRGQKFEDIKKLVLEEYKKIDSELQVDEDTYHQPLNLDYLENIACTLDDNSTAKDWVYGIIGATTEADYWPKKESESG
TEKVSVFYEKQKEIKFESDTNTMSIKVQYLLAEINFYCKTNKLSDANFGEFFDKEPHATEVAKRVKEGLVQGAEIEPIIY
NYINSHHAELGLTSELSSKQQEEITEKFTQRYHIIENSPHFDEFFVADPDKKGNIFSHQGRMSCHFLDFFARQTKGKYPL
GDLAGHQEALQAGTSNRLHHKNEVVAQGYEKFDQFKKEVVKLLAESKPKELLDYLVAT
;
A
2 'polypeptide(L)'
;LAMALKRINKELSDLARDPPAQCSAGPVGDDMFHWQATIMGPNDSPYQGGVFFLTIHFPTDYPFKPPKVAFTTRIYHPNI
NSNGSISLDILRSQWSPALTISKVLLSICSLLCDPNPDDPLVPEIARIYKTDRDKYNRISREWTQKYAM
;
B
#
# COMPACT_ATOMS: atom_id res chain seq x y z
N ASP A 6 -1.72 43.05 42.28
CA ASP A 6 -1.73 43.03 40.78
C ASP A 6 -0.75 42.00 40.19
N LYS A 7 -1.28 41.23 39.23
CA LYS A 7 -0.51 40.27 38.46
C LYS A 7 0.26 41.01 37.35
N ILE A 8 1.54 41.28 37.61
CA ILE A 8 2.43 42.00 36.69
C ILE A 8 2.34 41.37 35.31
N LYS A 9 2.52 42.17 34.28
CA LYS A 9 2.69 41.64 32.91
C LYS A 9 4.15 41.33 32.71
N PHE A 10 4.47 40.05 32.91
CA PHE A 10 5.85 39.53 32.82
C PHE A 10 6.27 39.36 31.37
N LYS A 11 7.54 39.61 31.12
CA LYS A 11 8.04 39.56 29.79
C LYS A 11 8.79 38.25 29.50
N GLU A 12 9.08 37.47 30.55
CA GLU A 12 9.72 36.18 30.32
C GLU A 12 8.81 35.36 29.44
N PRO A 13 9.30 34.94 28.25
CA PRO A 13 8.49 34.14 27.35
C PRO A 13 8.30 32.69 27.82
N GLU A 14 7.15 32.13 27.48
CA GLU A 14 6.85 30.74 27.77
C GLU A 14 7.55 29.78 26.78
N ARG A 15 8.08 30.35 25.69
CA ARG A 15 8.72 29.61 24.61
C ARG A 15 9.97 30.37 24.19
N CYS A 16 11.07 29.68 24.00
CA CYS A 16 12.26 30.31 23.45
C CYS A 16 12.93 29.26 22.66
N GLU A 17 13.51 29.68 21.56
CA GLU A 17 14.19 28.75 20.69
C GLU A 17 15.33 28.05 21.44
N TYR A 18 15.40 26.74 21.25
CA TYR A 18 16.43 25.92 21.86
C TYR A 18 16.44 25.84 23.39
N LEU A 19 15.38 26.22 24.10
CA LEU A 19 15.48 26.33 25.55
C LEU A 19 14.50 25.42 26.35
N HIS A 20 14.85 24.18 26.74
CA HIS A 20 13.95 23.35 27.62
C HIS A 20 14.29 23.72 29.04
N ILE A 21 13.27 23.61 29.92
CA ILE A 21 13.42 23.68 31.39
C ILE A 21 12.84 22.47 32.15
N ALA A 22 13.72 21.73 32.83
CA ALA A 22 13.42 20.58 33.72
C ALA A 22 12.36 20.96 34.74
N LYS A 23 11.53 19.99 35.14
CA LYS A 23 10.76 20.08 36.40
C LYS A 23 11.55 20.89 37.42
N ASP A 24 12.79 20.49 37.70
CA ASP A 24 13.61 21.15 38.75
C ASP A 24 14.19 22.55 38.44
N ASN A 25 13.74 23.23 37.40
CA ASN A 25 14.25 24.58 37.02
C ASN A 25 15.66 24.64 36.43
N LYS A 26 16.12 23.54 35.86
CA LYS A 26 17.35 23.58 35.08
C LYS A 26 17.06 24.00 33.64
N VAL A 27 17.80 24.98 33.14
CA VAL A 27 17.71 25.40 31.74
C VAL A 27 18.63 24.55 30.90
N HIS A 28 18.06 23.95 29.85
CA HIS A 28 18.81 23.18 28.90
C HIS A 28 18.74 23.83 27.55
N ILE A 29 19.90 24.09 26.99
CA ILE A 29 19.97 24.52 25.63
C ILE A 29 20.19 23.28 24.79
N LEU A 30 19.47 23.19 23.68
CA LEU A 30 19.54 22.01 22.81
C LEU A 30 20.06 22.37 21.46
N LEU A 31 21.19 21.76 21.08
CA LEU A 31 21.82 22.08 19.82
C LEU A 31 21.10 21.25 18.76
N PRO A 32 20.61 21.92 17.73
CA PRO A 32 19.82 21.26 16.72
C PRO A 32 20.67 20.55 15.69
N ILE A 33 20.43 19.29 15.47
CA ILE A 33 21.10 18.61 14.40
C ILE A 33 20.36 18.83 13.11
N VAL A 34 19.06 18.64 13.08
CA VAL A 34 18.24 18.80 11.87
C VAL A 34 16.78 18.94 12.25
N GLY A 35 15.98 19.54 11.39
CA GLY A 35 14.54 19.60 11.65
C GLY A 35 13.89 18.22 11.62
N GLY A 36 12.89 18.04 12.49
CA GLY A 36 12.16 16.79 12.56
C GLY A 36 11.71 16.45 13.94
N ASP A 37 10.99 15.35 14.06
CA ASP A 37 10.59 14.77 15.34
C ASP A 37 11.29 13.40 15.43
N GLU A 38 10.80 12.39 14.72
CA GLU A 38 11.44 11.07 14.72
C GLU A 38 12.25 10.81 13.47
N ILE A 39 12.04 11.59 12.42
CA ILE A 39 12.84 11.42 11.19
C ILE A 39 13.20 12.78 10.59
N GLY A 40 14.48 12.94 10.31
CA GLY A 40 15.02 14.20 9.88
C GLY A 40 14.44 14.65 8.58
N LEU A 41 14.03 15.91 8.58
CA LEU A 41 13.50 16.58 7.42
C LEU A 41 14.54 17.27 6.56
N ASP A 42 15.77 17.39 7.05
CA ASP A 42 16.89 17.97 6.30
C ASP A 42 17.88 16.87 6.00
N ASN A 43 18.38 16.80 4.76
CA ASN A 43 19.47 15.87 4.48
C ASN A 43 20.40 16.38 3.40
N THR A 44 21.47 15.62 3.21
CA THR A 44 22.46 15.87 2.15
C THR A 44 23.08 17.25 2.33
N ALA A 45 23.06 18.08 1.28
CA ALA A 45 23.74 19.35 1.29
C ALA A 45 23.07 20.31 2.20
N GLU A 46 21.77 20.19 2.36
CA GLU A 46 21.03 21.13 3.19
C GLU A 46 21.15 20.80 4.70
N THR A 47 21.79 19.69 5.05
CA THR A 47 21.90 19.20 6.43
C THR A 47 22.31 20.19 7.50
N THR A 48 23.33 21.01 7.27
CA THR A 48 23.82 21.83 8.38
C THR A 48 23.05 23.09 8.65
N GLY A 49 21.92 23.26 7.98
CA GLY A 49 21.20 24.50 8.06
C GLY A 49 20.76 24.91 9.44
N GLU A 50 20.25 23.98 10.25
CA GLU A 50 19.87 24.39 11.60
C GLU A 50 21.11 24.83 12.39
N LEU A 51 22.25 24.13 12.25
CA LEU A 51 23.45 24.53 12.98
C LEU A 51 23.87 25.91 12.57
N LEU A 52 23.91 26.15 11.26
CA LEU A 52 24.20 27.48 10.73
C LEU A 52 23.32 28.50 11.40
N THR A 53 22.03 28.25 11.47
CA THR A 53 21.13 29.22 12.09
C THR A 53 21.42 29.42 13.56
N PHE A 54 21.70 28.30 14.23
CA PHE A 54 21.90 28.30 15.66
C PHE A 54 23.07 29.21 15.96
N PHE A 55 24.15 29.06 15.20
CA PHE A 55 25.39 29.69 15.56
C PHE A 55 25.55 31.11 15.01
N TYR A 56 24.96 31.42 13.88
CA TYR A 56 25.10 32.76 13.30
C TYR A 56 23.80 33.41 12.84
N GLY A 57 22.66 32.80 13.11
CA GLY A 57 21.39 33.41 12.75
C GLY A 57 21.22 33.61 11.26
N LYS A 58 21.15 34.87 10.87
CA LYS A 58 20.61 35.21 9.56
C LYS A 58 21.62 35.82 8.64
N THR A 59 22.90 35.47 8.80
CA THR A 59 23.95 36.09 7.99
C THR A 59 23.86 35.64 6.53
N HIS A 60 23.03 34.63 6.29
CA HIS A 60 22.76 34.13 4.96
C HIS A 60 21.25 34.05 4.93
N GLY A 61 20.62 34.70 3.97
CA GLY A 61 19.18 34.67 3.91
C GLY A 61 18.72 35.37 5.18
N GLY A 62 17.41 35.36 5.44
CA GLY A 62 16.89 36.04 6.61
C GLY A 62 15.66 35.44 7.27
N THR A 63 15.31 36.00 8.42
CA THR A 63 14.14 35.63 9.25
C THR A 63 14.33 34.47 10.25
N LYS A 64 15.55 34.24 10.74
CA LYS A 64 15.73 33.34 11.87
C LYS A 64 16.94 33.78 12.68
N TYR A 65 16.71 34.02 13.96
CA TYR A 65 17.75 34.46 14.88
C TYR A 65 18.61 33.34 15.46
N SER A 66 19.77 33.73 15.95
CA SER A 66 20.76 32.81 16.57
C SER A 66 20.44 32.58 18.02
N ALA A 67 21.10 31.59 18.61
CA ALA A 67 20.85 31.26 20.00
C ALA A 67 21.26 32.39 20.93
N GLU A 68 22.40 33.00 20.63
CA GLU A 68 22.94 34.02 21.54
C GLU A 68 21.95 35.13 21.56
N HIS A 69 21.38 35.39 20.39
CA HIS A 69 20.41 36.43 20.25
C HIS A 69 19.17 36.15 21.08
N HIS A 70 18.63 34.94 20.95
CA HIS A 70 17.44 34.57 21.70
C HIS A 70 17.73 34.60 23.19
N LEU A 71 18.88 34.07 23.58
CA LEU A 71 19.23 34.01 24.98
C LEU A 71 19.46 35.40 25.51
N ASN A 72 20.13 36.20 24.72
CA ASN A 72 20.36 37.56 25.11
C ASN A 72 19.07 38.38 25.28
N GLU A 73 17.99 38.03 24.61
CA GLU A 73 16.72 38.69 24.84
C GLU A 73 15.99 38.00 25.97
N TYR A 74 16.16 36.70 26.08
CA TYR A 74 15.59 35.96 27.19
C TYR A 74 16.22 36.52 28.46
N LYS A 75 17.51 36.83 28.39
CA LYS A 75 18.23 37.39 29.54
C LYS A 75 17.59 38.70 29.92
N LYS A 76 17.51 39.61 28.96
CA LYS A 76 16.88 40.91 29.17
C LYS A 76 15.48 40.82 29.78
N ASN A 77 14.66 39.87 29.33
CA ASN A 77 13.30 39.78 29.81
C ASN A 77 13.30 39.47 31.28
N LEU A 78 14.20 38.60 31.69
CA LEU A 78 14.34 38.28 33.09
C LEU A 78 14.81 39.50 33.88
N GLU A 79 15.80 40.20 33.36
CA GLU A 79 16.26 41.43 34.00
C GLU A 79 15.08 42.40 34.25
N ASP A 80 14.23 42.60 33.25
CA ASP A 80 13.05 43.46 33.39
C ASP A 80 12.03 42.93 34.39
N ASP A 81 11.79 41.62 34.39
CA ASP A 81 10.81 41.06 35.34
C ASP A 81 11.23 41.25 36.79
N ILE A 82 12.50 41.03 37.07
CA ILE A 82 12.99 41.10 38.43
C ILE A 82 12.87 42.52 38.99
N LYS A 83 13.06 43.52 38.15
CA LYS A 83 12.79 44.90 38.57
C LYS A 83 11.32 45.04 38.92
N ALA A 84 10.46 44.75 37.96
CA ALA A 84 9.05 44.89 38.18
C ALA A 84 8.64 44.16 39.43
N ILE A 85 9.16 42.96 39.67
CA ILE A 85 8.84 42.27 40.92
C ILE A 85 9.40 43.06 42.09
N GLY A 86 10.65 43.49 41.98
CA GLY A 86 11.24 44.35 42.98
C GLY A 86 10.33 45.53 43.30
N VAL A 87 10.00 46.28 42.25
CA VAL A 87 9.11 47.44 42.34
C VAL A 87 7.78 47.11 43.04
N GLN A 88 7.28 45.92 42.76
CA GLN A 88 6.04 45.48 43.39
C GLN A 88 6.25 45.21 44.89
N ARG A 89 7.44 44.73 45.27
CA ARG A 89 7.65 44.27 46.64
C ARG A 89 7.76 45.43 47.60
N LYS A 90 8.01 46.62 47.05
CA LYS A 90 7.94 47.82 47.85
C LYS A 90 6.53 47.99 48.43
N ILE A 91 5.52 47.98 47.57
CA ILE A 91 4.12 48.02 48.01
C ILE A 91 3.63 46.75 48.77
N SER A 92 4.10 45.56 48.39
CA SER A 92 3.63 44.27 48.99
C SER A 92 4.82 43.33 49.31
N PRO A 93 5.51 43.57 50.44
CA PRO A 93 6.81 42.99 50.81
C PRO A 93 7.10 41.56 50.36
N ASN A 94 6.13 40.66 50.53
CA ASN A 94 6.35 39.23 50.24
C ASN A 94 5.82 38.79 48.87
N ALA A 95 5.57 39.75 47.99
CA ALA A 95 5.06 39.44 46.67
C ALA A 95 6.06 38.65 45.82
N TYR A 96 5.54 37.66 45.10
CA TYR A 96 6.27 36.90 44.09
C TYR A 96 7.58 36.33 44.63
N GLU A 97 7.52 35.79 45.84
CA GLU A 97 8.73 35.34 46.56
C GLU A 97 9.58 34.32 45.79
N ASP A 98 8.97 33.19 45.43
CA ASP A 98 9.65 32.12 44.70
C ASP A 98 9.90 32.50 43.27
N LEU A 99 8.85 32.91 42.57
CA LEU A 99 8.98 33.37 41.20
C LEU A 99 10.20 34.23 41.05
N LEU A 100 10.46 35.10 42.02
CA LEU A 100 11.66 35.89 42.02
C LEU A 100 12.93 35.05 42.17
N LYS A 101 12.96 34.14 43.12
CA LYS A 101 14.10 33.23 43.23
C LYS A 101 14.25 32.48 41.90
N GLU A 102 13.18 31.81 41.51
CA GLU A 102 13.15 31.00 40.29
C GLU A 102 13.64 31.66 39.04
N LYS A 103 13.36 32.96 38.89
CA LYS A 103 13.81 33.71 37.72
C LYS A 103 15.29 34.10 37.79
N LYS A 104 15.75 34.48 38.96
CA LYS A 104 17.17 34.75 39.15
C LYS A 104 17.95 33.48 38.84
N GLU A 105 17.49 32.35 39.36
CA GLU A 105 18.05 31.05 39.00
C GLU A 105 18.22 30.85 37.50
N ARG A 106 17.15 31.02 36.75
CA ARG A 106 17.24 30.87 35.29
C ARG A 106 18.29 31.83 34.75
N LEU A 107 18.18 33.09 35.15
CA LEU A 107 19.09 34.09 34.64
C LEU A 107 20.56 33.64 34.74
N GLU A 108 20.94 33.16 35.90
CA GLU A 108 22.33 32.79 36.11
C GLU A 108 22.80 31.78 35.09
N GLN A 109 21.96 30.79 34.78
CA GLN A 109 22.33 29.73 33.83
C GLN A 109 22.33 30.22 32.40
N ILE A 110 21.37 31.10 32.09
CA ILE A 110 21.26 31.63 30.75
C ILE A 110 22.54 32.40 30.48
N GLU A 111 23.02 33.14 31.46
CA GLU A 111 24.32 33.79 31.35
C GLU A 111 25.47 32.81 31.13
N LYS A 112 25.49 31.69 31.83
CA LYS A 112 26.55 30.71 31.60
C LYS A 112 26.52 30.04 30.25
N TYR A 113 25.34 29.78 29.71
CA TYR A 113 25.20 29.24 28.35
C TYR A 113 25.70 30.22 27.31
N ILE A 114 25.38 31.48 27.53
CA ILE A 114 25.89 32.52 26.65
C ILE A 114 27.43 32.52 26.65
N ASP A 115 28.04 32.50 27.82
CA ASP A 115 29.50 32.43 27.90
C ASP A 115 30.00 31.28 27.04
N LEU A 116 29.47 30.09 27.30
CA LEU A 116 30.02 28.92 26.68
C LEU A 116 29.98 29.05 25.17
N ILE A 117 28.97 29.70 24.62
CA ILE A 117 28.86 29.75 23.17
C ILE A 117 29.94 30.66 22.59
N LYS A 118 30.17 31.80 23.26
CA LYS A 118 31.26 32.72 22.87
C LYS A 118 32.61 32.00 22.93
N VAL A 119 32.82 31.33 24.05
CA VAL A 119 34.03 30.60 24.31
C VAL A 119 34.27 29.62 23.19
N LEU A 120 33.21 28.94 22.79
CA LEU A 120 33.33 27.92 21.75
C LEU A 120 33.85 28.54 20.46
N LYS A 121 33.30 29.71 20.14
CA LYS A 121 33.64 30.39 18.89
C LYS A 121 34.98 31.07 18.95
N GLU A 122 35.29 31.68 20.09
CA GLU A 122 36.51 32.47 20.22
C GLU A 122 37.75 31.62 20.48
N LYS A 123 37.68 30.64 21.36
CA LYS A 123 38.86 29.87 21.76
C LYS A 123 38.92 28.43 21.27
N PHE A 124 37.87 27.91 20.66
CA PHE A 124 37.93 26.52 20.23
C PHE A 124 37.76 26.24 18.75
N ASP A 125 37.42 27.27 17.99
CA ASP A 125 37.27 27.10 16.55
C ASP A 125 38.60 27.38 15.85
N GLU A 126 39.62 26.54 16.06
CA GLU A 126 40.87 26.82 15.39
C GLU A 126 40.84 26.10 14.06
N GLN A 127 40.24 24.92 14.09
CA GLN A 127 39.98 24.11 12.91
C GLN A 127 38.97 24.82 12.02
N ARG A 128 38.08 25.59 12.64
CA ARG A 128 37.03 26.34 11.94
C ARG A 128 35.74 25.57 11.67
N GLU A 129 35.57 24.44 12.33
CA GLU A 129 34.38 23.62 12.11
C GLU A 129 33.10 24.43 12.29
N ILE A 130 33.02 25.26 13.32
CA ILE A 130 31.88 26.10 13.48
C ILE A 130 31.84 27.11 12.35
N ASP A 131 32.89 27.93 12.22
CA ASP A 131 32.90 29.04 11.22
C ASP A 131 32.52 28.61 9.80
N LYS A 132 32.99 27.44 9.39
CA LYS A 132 32.65 26.94 8.08
C LYS A 132 31.15 26.77 7.85
N LEU A 133 30.39 26.54 8.89
CA LEU A 133 28.95 26.52 8.73
C LEU A 133 28.51 27.74 7.88
N ARG A 134 29.14 28.90 8.06
CA ARG A 134 28.72 30.07 7.29
C ARG A 134 29.55 30.34 6.03
N THR A 135 30.79 29.90 5.95
CA THR A 135 31.60 30.26 4.79
C THR A 135 31.40 29.26 3.65
N GLU A 136 31.66 27.99 3.95
CA GLU A 136 31.54 26.93 2.97
C GLU A 136 30.14 26.76 2.36
N GLY A 137 30.12 26.17 1.18
CA GLY A 137 28.89 26.03 0.42
C GLY A 137 28.15 24.82 0.87
N ILE A 138 28.90 23.77 1.16
CA ILE A 138 28.29 22.54 1.67
C ILE A 138 29.04 22.03 2.92
N PRO A 139 28.81 22.70 4.04
CA PRO A 139 29.42 22.37 5.31
C PRO A 139 29.28 20.93 5.76
N GLN A 140 30.25 20.50 6.55
CA GLN A 140 30.21 19.22 7.23
C GLN A 140 29.63 19.46 8.60
N LEU A 141 29.09 18.42 9.22
CA LEU A 141 28.73 18.56 10.63
C LEU A 141 30.01 18.79 11.42
N PRO A 142 29.98 19.70 12.42
CA PRO A 142 31.14 19.68 13.31
C PRO A 142 31.38 18.27 13.85
N SER A 143 32.64 17.89 13.92
CA SER A 143 33.07 16.61 14.55
C SER A 143 32.37 16.33 15.90
N GLY A 144 32.28 17.34 16.74
CA GLY A 144 31.53 17.18 17.98
C GLY A 144 30.13 16.60 17.76
N VAL A 145 29.42 17.16 16.79
CA VAL A 145 28.09 16.66 16.49
C VAL A 145 28.24 15.24 15.97
N LYS A 146 29.23 15.04 15.10
CA LYS A 146 29.42 13.72 14.53
C LYS A 146 29.68 12.68 15.60
N GLU A 147 30.47 13.07 16.61
CA GLU A 147 30.82 12.17 17.73
C GLU A 147 29.67 11.86 18.68
N VAL A 148 28.79 12.85 18.85
CA VAL A 148 27.50 12.62 19.52
C VAL A 148 26.74 11.54 18.76
N ILE A 149 26.52 11.78 17.47
CA ILE A 149 25.72 10.88 16.67
C ILE A 149 26.35 9.49 16.63
N LYS A 150 27.67 9.45 16.46
CA LYS A 150 28.38 8.16 16.50
C LYS A 150 27.96 7.40 17.76
N SER A 151 27.92 8.07 18.90
CA SER A 151 27.71 7.36 20.14
C SER A 151 26.22 7.14 20.52
N SER A 152 25.30 7.79 19.84
CA SER A 152 23.88 7.64 20.17
C SER A 152 23.44 6.21 20.30
N GLU A 153 22.56 5.97 21.27
CA GLU A 153 21.92 4.66 21.40
C GLU A 153 20.50 4.65 20.85
N ASN A 154 19.92 5.82 20.60
CA ASN A 154 18.56 5.94 20.08
C ASN A 154 18.42 6.68 18.75
N ALA A 155 19.51 6.87 18.01
CA ALA A 155 19.40 7.62 16.77
C ALA A 155 20.45 7.21 15.77
N PHE A 156 20.01 7.00 14.53
CA PHE A 156 20.88 6.44 13.53
C PHE A 156 20.62 7.08 12.20
N ALA A 157 21.67 7.17 11.40
CA ALA A 157 21.53 7.60 10.03
C ALA A 157 21.23 6.37 9.19
N LEU A 158 20.43 6.54 8.17
CA LEU A 158 20.05 5.44 7.27
C LEU A 158 20.32 5.93 5.88
N ARG A 159 20.96 5.11 5.06
CA ARG A 159 21.39 5.57 3.76
C ARG A 159 20.91 4.70 2.62
N LEU A 160 20.22 5.30 1.67
CA LEU A 160 19.57 4.57 0.61
C LEU A 160 20.32 4.63 -0.71
N SER A 161 19.81 3.92 -1.71
CA SER A 161 20.33 3.98 -3.05
C SER A 161 19.26 4.34 -4.06
N PRO A 162 18.97 5.65 -4.13
CA PRO A 162 18.20 6.24 -5.21
C PRO A 162 18.90 6.17 -6.59
N ASP A 163 18.12 6.31 -7.66
CA ASP A 163 18.61 6.08 -9.02
C ASP A 163 19.59 7.15 -9.41
N ARG A 164 19.34 8.39 -8.97
CA ARG A 164 20.27 9.52 -9.17
C ARG A 164 20.79 10.00 -7.82
N PRO A 165 21.82 9.36 -7.31
CA PRO A 165 22.27 9.76 -5.99
C PRO A 165 22.97 11.10 -6.00
N ASP A 166 22.79 11.81 -4.91
CA ASP A 166 23.52 13.02 -4.56
C ASP A 166 24.65 12.60 -3.65
N SER A 167 25.89 12.82 -4.06
CA SER A 167 27.05 12.33 -3.32
C SER A 167 27.30 13.14 -2.03
N PHE A 168 26.65 14.31 -1.89
CA PHE A 168 26.86 15.22 -0.75
C PHE A 168 26.10 14.78 0.49
N THR A 169 26.28 13.53 0.88
CA THR A 169 25.62 12.98 2.04
C THR A 169 26.39 13.55 3.22
N ARG A 170 25.77 13.66 4.39
CA ARG A 170 26.44 14.31 5.52
C ARG A 170 26.33 13.54 6.86
N PHE A 171 25.83 12.31 6.79
CA PHE A 171 25.70 11.51 7.95
C PHE A 171 26.66 10.38 7.73
N ASP A 172 27.76 10.40 8.49
CA ASP A 172 28.91 9.57 8.22
C ASP A 172 28.80 8.10 8.58
N ASP A 173 28.14 7.77 9.66
CA ASP A 173 28.13 6.36 9.95
C ASP A 173 26.73 5.89 9.93
N PRO A 174 26.35 5.37 8.76
CA PRO A 174 24.98 4.99 8.57
C PRO A 174 24.87 3.61 9.16
N LEU A 175 23.84 3.39 9.94
CA LEU A 175 23.58 2.09 10.53
C LEU A 175 23.26 1.13 9.43
N PHE A 176 22.44 1.61 8.51
CA PHE A 176 21.97 0.87 7.33
C PHE A 176 22.47 1.60 6.08
N SER A 177 22.91 0.81 5.10
CA SER A 177 23.40 1.38 3.88
C SER A 177 23.43 0.37 2.75
N LEU A 178 23.24 0.89 1.55
CA LEU A 178 23.22 0.10 0.34
C LEU A 178 24.28 0.61 -0.61
N LYS A 179 24.67 -0.26 -1.55
CA LYS A 179 25.60 0.14 -2.58
C LYS A 179 24.83 1.15 -3.41
N ARG A 180 25.51 2.23 -3.77
CA ARG A 180 24.90 3.31 -4.51
C ARG A 180 25.42 3.48 -5.94
N ASN A 181 24.67 4.18 -6.76
CA ASN A 181 25.21 4.57 -8.04
C ASN A 181 26.25 5.66 -7.86
N ARG A 182 27.04 5.94 -8.90
CA ARG A 182 27.95 7.08 -8.84
C ARG A 182 27.18 8.38 -9.17
N SER A 183 27.38 9.42 -8.36
CA SER A 183 26.61 10.65 -8.52
C SER A 183 27.16 11.45 -9.66
N GLN A 184 26.26 12.23 -10.28
CA GLN A 184 26.62 13.30 -11.22
C GLN A 184 27.68 14.19 -10.61
N TYR A 185 27.66 14.37 -9.29
CA TYR A 185 28.61 15.26 -8.63
C TYR A 185 29.93 14.61 -8.28
N GLU A 186 30.13 13.35 -8.64
CA GLU A 186 31.42 12.67 -8.46
C GLU A 186 32.26 12.47 -9.74
N ALA A 187 33.57 12.29 -9.54
CA ALA A 187 34.53 12.14 -10.64
C ALA A 187 34.09 11.06 -11.58
N GLY A 188 33.72 11.45 -12.80
CA GLY A 188 33.28 10.47 -13.80
C GLY A 188 31.79 10.50 -14.06
N GLY A 189 31.05 11.10 -13.14
CA GLY A 189 29.64 11.37 -13.36
C GLY A 189 28.74 10.17 -13.17
N TYR A 190 27.46 10.38 -13.43
CA TYR A 190 26.46 9.39 -13.16
C TYR A 190 26.78 8.08 -13.80
N GLN A 191 26.56 6.99 -13.07
CA GLN A 191 26.84 5.63 -13.52
C GLN A 191 25.97 4.74 -12.65
N ARG A 192 25.19 3.86 -13.25
CA ARG A 192 24.31 3.01 -12.47
C ARG A 192 25.17 1.83 -12.15
N ALA A 193 25.01 1.27 -10.95
CA ALA A 193 25.73 0.06 -10.57
C ALA A 193 25.05 -1.10 -11.23
N THR A 194 25.85 -2.15 -11.42
CA THR A 194 25.44 -3.35 -12.14
C THR A 194 24.98 -4.44 -11.18
N ASP A 195 25.24 -4.22 -9.90
CA ASP A 195 25.01 -5.18 -8.83
C ASP A 195 24.53 -4.43 -7.58
N GLY A 196 23.96 -5.15 -6.62
CA GLY A 196 23.39 -4.50 -5.44
C GLY A 196 21.88 -4.40 -5.52
N LEU A 197 21.24 -4.32 -4.36
CA LEU A 197 19.78 -4.43 -4.27
C LEU A 197 19.08 -3.37 -5.13
N GLY A 198 19.68 -2.19 -5.20
CA GLY A 198 19.05 -1.09 -5.93
C GLY A 198 18.95 -1.41 -7.41
N ALA A 199 20.06 -1.98 -7.91
CA ALA A 199 20.21 -2.42 -9.30
C ALA A 199 19.16 -3.44 -9.70
N ARG A 200 18.92 -4.41 -8.82
CA ARG A 200 17.95 -5.48 -9.11
C ARG A 200 16.52 -4.98 -9.01
N LEU A 201 16.21 -4.25 -7.94
CA LEU A 201 14.92 -3.59 -7.86
C LEU A 201 14.66 -2.78 -9.15
N ARG A 202 15.67 -2.09 -9.68
CA ARG A 202 15.47 -1.34 -10.91
C ARG A 202 15.11 -2.28 -12.01
N SER A 203 15.96 -3.26 -12.27
CA SER A 203 15.77 -4.10 -13.43
C SER A 203 14.45 -4.88 -13.32
N GLU A 204 14.13 -5.36 -12.13
CA GLU A 204 12.91 -6.15 -11.93
C GLU A 204 11.60 -5.34 -11.93
N LEU A 205 11.61 -4.12 -11.38
CA LEU A 205 10.41 -3.26 -11.38
C LEU A 205 10.40 -2.24 -12.51
N LEU A 206 11.38 -2.33 -13.41
CA LEU A 206 11.47 -1.44 -14.54
C LEU A 206 10.69 -2.05 -15.71
N PRO A 207 9.59 -1.42 -16.12
CA PRO A 207 8.76 -2.08 -17.11
C PRO A 207 9.44 -2.06 -18.48
N PRO A 208 9.11 -3.03 -19.33
CA PRO A 208 9.81 -3.27 -20.59
C PRO A 208 9.74 -2.12 -21.59
N ASP A 209 8.61 -1.42 -21.64
CA ASP A 209 8.47 -0.29 -22.56
C ASP A 209 7.38 0.68 -22.11
N LYS A 210 7.28 1.78 -22.84
CA LYS A 210 6.29 2.82 -22.55
C LYS A 210 4.86 2.29 -22.74
N ASP A 211 4.68 1.37 -23.71
CA ASP A 211 3.37 0.81 -24.03
C ASP A 211 2.86 -0.25 -23.05
N THR A 212 3.75 -0.90 -22.30
CA THR A 212 3.33 -2.01 -21.44
C THR A 212 3.86 -1.93 -20.00
N PRO A 213 2.99 -1.51 -19.06
CA PRO A 213 3.33 -1.29 -17.67
C PRO A 213 3.30 -2.56 -16.83
N ILE A 214 3.42 -2.39 -15.51
CA ILE A 214 3.29 -3.49 -14.57
C ILE A 214 2.08 -3.19 -13.71
N VAL A 215 1.01 -3.94 -13.92
CA VAL A 215 -0.27 -3.65 -13.30
C VAL A 215 -0.41 -4.46 -12.02
N PHE A 216 -1.16 -3.94 -11.05
CA PHE A 216 -1.08 -4.44 -9.68
C PHE A 216 -2.03 -5.55 -9.27
N ASN A 217 -3.11 -5.78 -10.01
CA ASN A 217 -3.90 -6.98 -9.75
C ASN A 217 -4.25 -7.67 -11.04
N LYS A 218 -3.35 -8.49 -11.52
CA LYS A 218 -3.62 -9.30 -12.68
C LYS A 218 -3.92 -10.74 -12.22
N LYS A 219 -4.35 -10.90 -10.98
CA LYS A 219 -4.62 -12.22 -10.48
C LYS A 219 -5.99 -12.24 -9.82
N SER A 220 -6.94 -12.93 -10.45
CA SER A 220 -8.14 -13.33 -9.75
C SER A 220 -7.69 -14.35 -8.71
N LEU A 221 -8.48 -14.50 -7.66
CA LEU A 221 -8.18 -15.54 -6.71
C LEU A 221 -7.98 -16.87 -7.46
N LYS A 222 -8.86 -17.18 -8.43
CA LYS A 222 -8.70 -18.43 -9.16
C LYS A 222 -7.40 -18.44 -9.96
N ASP A 223 -7.07 -17.34 -10.62
CA ASP A 223 -5.79 -17.26 -11.33
C ASP A 223 -4.65 -17.73 -10.42
N LYS A 224 -4.63 -17.21 -9.20
CA LYS A 224 -3.64 -17.60 -8.17
C LYS A 224 -3.68 -19.11 -7.91
N ILE A 225 -4.90 -19.61 -7.70
CA ILE A 225 -5.10 -21.03 -7.44
C ILE A 225 -4.56 -21.88 -8.59
N VAL A 226 -4.86 -21.43 -9.80
CA VAL A 226 -4.48 -22.15 -11.01
C VAL A 226 -2.96 -22.23 -11.12
N ASP A 227 -2.29 -21.10 -10.93
CA ASP A 227 -0.84 -21.06 -10.89
C ASP A 227 -0.33 -22.08 -9.88
N SER A 228 -0.88 -22.02 -8.65
CA SER A 228 -0.49 -22.92 -7.54
C SER A 228 -0.48 -24.39 -7.96
N VAL A 229 -1.47 -24.76 -8.75
CA VAL A 229 -1.62 -26.14 -9.17
C VAL A 229 -0.65 -26.54 -10.29
N LEU A 230 -0.29 -25.60 -11.15
CA LEU A 230 0.51 -25.94 -12.32
C LEU A 230 1.98 -26.16 -11.96
N VAL A 231 2.50 -25.33 -11.07
CA VAL A 231 3.86 -25.55 -10.56
C VAL A 231 4.10 -27.00 -10.07
N GLN A 232 3.05 -27.66 -9.58
CA GLN A 232 3.15 -29.02 -9.07
C GLN A 232 3.54 -30.08 -10.09
N LEU A 233 3.06 -29.91 -11.31
CA LEU A 233 3.22 -30.97 -12.30
C LEU A 233 4.66 -30.93 -12.76
N ASP A 234 5.07 -31.91 -13.55
CA ASP A 234 6.46 -32.00 -13.98
C ASP A 234 6.75 -30.98 -15.07
N LYS A 235 8.05 -30.70 -15.24
CA LYS A 235 8.62 -30.00 -16.40
C LYS A 235 8.02 -30.54 -17.70
N ASP A 236 8.01 -31.88 -17.82
CA ASP A 236 7.36 -32.59 -18.91
C ASP A 236 6.10 -33.29 -18.41
N PHE A 237 4.96 -32.62 -18.53
CA PHE A 237 3.64 -33.18 -18.17
C PHE A 237 2.64 -32.88 -19.28
N ASN A 238 1.68 -33.81 -19.48
CA ASN A 238 0.78 -33.77 -20.63
C ASN A 238 -0.70 -33.84 -20.33
N THR A 239 -1.50 -33.64 -21.38
CA THR A 239 -2.91 -34.00 -21.39
C THR A 239 -3.20 -35.15 -22.37
N LYS A 240 -2.25 -35.48 -23.25
CA LYS A 240 -2.51 -36.36 -24.39
C LYS A 240 -1.74 -37.69 -24.42
N ASP A 241 -0.96 -38.00 -23.38
CA ASP A 241 -0.19 -39.26 -23.31
C ASP A 241 -0.62 -40.11 -22.15
N GLY A 242 -0.35 -41.41 -22.25
CA GLY A 242 -0.70 -42.37 -21.21
C GLY A 242 -2.18 -42.37 -20.86
N ASP A 243 -2.47 -42.83 -19.64
CA ASP A 243 -3.83 -42.87 -19.12
C ASP A 243 -4.27 -41.46 -18.73
N ARG A 244 -5.25 -40.94 -19.46
CA ARG A 244 -5.70 -39.55 -19.34
C ARG A 244 -6.70 -39.33 -18.20
N GLY A 245 -7.59 -40.29 -18.02
CA GLY A 245 -8.58 -40.22 -16.95
C GLY A 245 -7.88 -40.07 -15.63
N GLN A 246 -6.82 -40.87 -15.49
CA GLN A 246 -5.97 -40.84 -14.33
C GLN A 246 -5.37 -39.45 -14.10
N LYS A 247 -4.73 -38.89 -15.13
CA LYS A 247 -4.06 -37.60 -14.97
C LYS A 247 -5.06 -36.59 -14.40
N PHE A 248 -6.25 -36.57 -14.99
CA PHE A 248 -7.34 -35.71 -14.52
C PHE A 248 -7.69 -35.98 -13.07
N GLU A 249 -7.54 -37.23 -12.64
CA GLU A 249 -7.73 -37.57 -11.23
C GLU A 249 -6.63 -36.96 -10.38
N ASP A 250 -5.39 -37.07 -10.87
CA ASP A 250 -4.24 -36.49 -10.17
C ASP A 250 -4.41 -35.00 -10.00
N ILE A 251 -4.97 -34.36 -11.04
CA ILE A 251 -5.15 -32.92 -11.06
C ILE A 251 -6.38 -32.48 -10.27
N LYS A 252 -7.43 -33.30 -10.25
CA LYS A 252 -8.54 -33.04 -9.34
C LYS A 252 -8.00 -32.91 -7.92
N LYS A 253 -7.19 -33.90 -7.54
CA LYS A 253 -6.55 -33.94 -6.22
C LYS A 253 -5.92 -32.61 -5.91
N LEU A 254 -5.05 -32.17 -6.82
CA LEU A 254 -4.24 -30.97 -6.63
C LEU A 254 -5.13 -29.71 -6.50
N VAL A 255 -6.20 -29.70 -7.28
CA VAL A 255 -7.25 -28.68 -7.20
C VAL A 255 -7.93 -28.73 -5.82
N LEU A 256 -8.38 -29.94 -5.49
CA LEU A 256 -8.99 -30.20 -4.21
C LEU A 256 -8.13 -29.61 -3.11
N GLU A 257 -6.86 -30.01 -3.07
CA GLU A 257 -5.89 -29.50 -2.08
C GLU A 257 -6.11 -27.99 -1.86
N GLU A 258 -6.02 -27.23 -2.94
CA GLU A 258 -6.10 -25.77 -2.90
C GLU A 258 -7.45 -25.24 -2.44
N TYR A 259 -8.51 -25.97 -2.77
CA TYR A 259 -9.83 -25.62 -2.27
C TYR A 259 -9.88 -25.54 -0.74
N LYS A 260 -9.14 -26.42 -0.08
CA LYS A 260 -9.09 -26.45 1.40
C LYS A 260 -8.44 -25.19 2.01
N LYS A 261 -7.26 -24.79 1.52
CA LYS A 261 -6.61 -23.56 2.00
C LYS A 261 -7.59 -22.37 1.97
N ILE A 262 -8.39 -22.27 0.93
CA ILE A 262 -9.27 -21.12 0.78
C ILE A 262 -10.62 -21.33 1.48
N ASP A 263 -11.25 -22.50 1.32
CA ASP A 263 -12.64 -22.67 1.78
C ASP A 263 -13.22 -24.11 1.93
N SER A 264 -14.08 -24.23 2.93
CA SER A 264 -14.54 -25.50 3.45
C SER A 264 -15.67 -26.10 2.60
N GLU A 265 -16.67 -25.26 2.31
CA GLU A 265 -17.82 -25.64 1.48
C GLU A 265 -17.41 -26.22 0.10
N LEU A 266 -16.29 -25.77 -0.45
CA LEU A 266 -15.87 -26.23 -1.77
C LEU A 266 -15.66 -27.73 -1.88
N GLN A 267 -16.03 -28.28 -3.03
CA GLN A 267 -15.92 -29.71 -3.32
C GLN A 267 -15.66 -29.97 -4.81
N VAL A 268 -15.06 -31.12 -5.13
CA VAL A 268 -14.77 -31.46 -6.53
C VAL A 268 -15.49 -32.68 -7.12
N ASP A 269 -16.35 -33.32 -6.35
CA ASP A 269 -17.07 -34.49 -6.87
C ASP A 269 -18.17 -34.04 -7.86
N GLU A 270 -18.89 -32.99 -7.55
CA GLU A 270 -19.96 -32.68 -8.45
C GLU A 270 -19.89 -31.34 -9.11
N ASP A 271 -20.45 -31.29 -10.30
CA ASP A 271 -20.54 -30.08 -11.05
C ASP A 271 -21.64 -29.41 -10.28
N THR A 272 -21.97 -28.18 -10.61
CA THR A 272 -22.98 -27.47 -9.87
C THR A 272 -24.26 -28.31 -9.91
N TYR A 273 -24.36 -29.18 -10.91
CA TYR A 273 -25.52 -30.05 -11.05
C TYR A 273 -25.51 -31.38 -10.27
N HIS A 274 -24.41 -31.70 -9.59
CA HIS A 274 -24.30 -32.91 -8.75
C HIS A 274 -23.96 -34.22 -9.47
N GLN A 275 -23.70 -34.12 -10.76
CA GLN A 275 -23.34 -35.23 -11.64
C GLN A 275 -21.87 -35.61 -11.45
N PRO A 276 -21.51 -36.90 -11.66
CA PRO A 276 -20.10 -37.28 -11.59
C PRO A 276 -19.15 -36.54 -12.57
N LEU A 277 -18.20 -35.82 -11.99
CA LEU A 277 -17.24 -34.96 -12.72
C LEU A 277 -15.96 -35.73 -12.99
N ASN A 278 -15.57 -35.82 -14.24
CA ASN A 278 -14.33 -36.46 -14.64
C ASN A 278 -14.04 -36.09 -16.07
N LEU A 279 -12.99 -36.67 -16.66
CA LEU A 279 -12.61 -36.34 -18.03
C LEU A 279 -13.67 -36.73 -19.10
N ASP A 280 -14.27 -37.92 -19.02
CA ASP A 280 -15.40 -38.25 -19.90
C ASP A 280 -16.45 -37.16 -19.83
N TYR A 281 -16.85 -36.84 -18.59
CA TYR A 281 -17.91 -35.87 -18.34
C TYR A 281 -17.66 -34.49 -18.98
N LEU A 282 -16.51 -33.88 -18.72
CA LEU A 282 -16.22 -32.56 -19.31
C LEU A 282 -15.84 -32.62 -20.79
N GLU A 283 -15.18 -33.70 -21.23
CA GLU A 283 -14.82 -33.84 -22.64
C GLU A 283 -16.07 -34.12 -23.47
N ASN A 284 -17.07 -34.79 -22.87
CA ASN A 284 -18.27 -35.19 -23.62
C ASN A 284 -19.55 -34.44 -23.27
N ILE A 285 -19.96 -34.37 -22.00
CA ILE A 285 -21.26 -33.77 -21.65
C ILE A 285 -21.18 -32.21 -21.56
N ALA A 286 -20.49 -31.66 -20.56
CA ALA A 286 -20.28 -30.20 -20.50
C ALA A 286 -19.55 -29.68 -21.73
N CYS A 287 -18.75 -30.55 -22.35
CA CYS A 287 -18.02 -30.24 -23.59
C CYS A 287 -17.08 -29.02 -23.49
N THR A 288 -16.52 -28.81 -22.30
CA THR A 288 -15.66 -27.68 -22.01
C THR A 288 -14.20 -28.01 -22.31
N LEU A 289 -13.87 -29.30 -22.40
CA LEU A 289 -12.50 -29.79 -22.66
C LEU A 289 -12.41 -30.75 -23.84
N ASP A 290 -11.21 -30.96 -24.35
CA ASP A 290 -10.98 -31.89 -25.47
C ASP A 290 -9.48 -32.30 -25.63
N ASP A 291 -9.11 -32.71 -26.85
CA ASP A 291 -7.74 -33.10 -27.18
C ASP A 291 -6.78 -31.93 -27.03
N ASN A 292 -7.13 -30.78 -27.61
CA ASN A 292 -6.23 -29.61 -27.61
C ASN A 292 -6.25 -28.74 -26.34
N SER A 293 -6.93 -29.20 -25.28
CA SER A 293 -6.85 -28.53 -24.00
C SER A 293 -5.43 -28.69 -23.44
N THR A 294 -4.93 -27.64 -22.83
CA THR A 294 -3.72 -27.71 -22.04
C THR A 294 -4.14 -28.14 -20.65
N ALA A 295 -3.16 -28.40 -19.79
CA ALA A 295 -3.42 -28.79 -18.41
C ALA A 295 -4.02 -27.63 -17.63
N LYS A 296 -3.56 -26.43 -17.97
CA LYS A 296 -4.17 -25.18 -17.50
C LYS A 296 -5.68 -25.13 -17.72
N ASP A 297 -6.09 -25.56 -18.92
CA ASP A 297 -7.51 -25.61 -19.25
C ASP A 297 -8.19 -26.59 -18.32
N TRP A 298 -7.56 -27.76 -18.15
CA TRP A 298 -8.12 -28.79 -17.26
C TRP A 298 -8.51 -28.17 -15.94
N VAL A 299 -7.60 -27.36 -15.40
CA VAL A 299 -7.79 -26.76 -14.10
C VAL A 299 -8.99 -25.84 -14.11
N TYR A 300 -8.91 -24.82 -14.94
CA TYR A 300 -10.04 -23.91 -15.10
C TYR A 300 -11.39 -24.66 -15.30
N GLY A 301 -11.38 -25.64 -16.21
CA GLY A 301 -12.53 -26.51 -16.45
C GLY A 301 -13.08 -27.05 -15.16
N ILE A 302 -12.19 -27.64 -14.36
CA ILE A 302 -12.57 -28.20 -13.08
C ILE A 302 -13.17 -27.09 -12.25
N ILE A 303 -12.44 -25.99 -12.14
CA ILE A 303 -12.94 -24.88 -11.37
C ILE A 303 -14.32 -24.49 -11.91
N GLY A 304 -14.38 -24.26 -13.22
CA GLY A 304 -15.60 -23.82 -13.85
C GLY A 304 -16.78 -24.74 -13.61
N ALA A 305 -16.54 -26.04 -13.75
CA ALA A 305 -17.57 -27.05 -13.51
C ALA A 305 -18.02 -27.04 -12.04
N THR A 306 -17.06 -26.81 -11.15
CA THR A 306 -17.27 -27.12 -9.75
C THR A 306 -17.63 -25.92 -8.86
N THR A 307 -17.94 -24.77 -9.47
CA THR A 307 -18.23 -23.55 -8.70
C THR A 307 -19.12 -22.61 -9.50
N GLU A 308 -19.99 -21.87 -8.80
CA GLU A 308 -20.73 -20.81 -9.46
C GLU A 308 -19.70 -19.72 -9.78
N ALA A 309 -20.00 -18.88 -10.75
CA ALA A 309 -19.06 -17.84 -11.17
C ALA A 309 -19.13 -16.57 -10.32
N ASP A 310 -20.35 -16.17 -9.93
CA ASP A 310 -20.57 -14.98 -9.08
C ASP A 310 -19.92 -15.04 -7.65
N TYR A 311 -19.57 -16.23 -7.18
CA TYR A 311 -18.97 -16.41 -5.84
C TYR A 311 -17.44 -16.57 -5.87
N TRP A 312 -16.79 -16.11 -6.95
CA TRP A 312 -15.35 -15.81 -6.95
C TRP A 312 -15.02 -14.35 -6.73
N PRO A 313 -15.79 -13.41 -7.32
CA PRO A 313 -15.48 -12.00 -7.01
C PRO A 313 -15.79 -11.60 -5.57
N LYS A 314 -16.63 -12.36 -4.88
CA LYS A 314 -16.95 -12.04 -3.49
C LYS A 314 -15.79 -12.28 -2.52
N LYS A 315 -14.72 -12.95 -2.96
CA LYS A 315 -13.50 -13.12 -2.14
C LYS A 315 -12.40 -12.14 -2.56
N LYS A 323 -5.47 0.15 6.15
CA LYS A 323 -5.57 -1.13 5.49
C LYS A 323 -4.72 -1.21 4.19
N VAL A 324 -4.18 -0.07 3.76
CA VAL A 324 -3.58 0.09 2.43
C VAL A 324 -2.06 0.30 2.47
N SER A 325 -1.29 -0.78 2.28
CA SER A 325 0.18 -0.70 2.46
C SER A 325 0.73 0.42 1.62
N VAL A 326 1.76 1.07 2.15
CA VAL A 326 2.38 2.24 1.52
C VAL A 326 2.83 2.04 0.04
N PHE A 327 2.73 0.80 -0.46
CA PHE A 327 3.18 0.47 -1.79
C PHE A 327 2.09 0.63 -2.83
N TYR A 328 0.83 0.51 -2.40
CA TYR A 328 -0.33 0.79 -3.25
C TYR A 328 -0.97 2.11 -2.79
N GLU A 329 -0.76 3.22 -3.49
CA GLU A 329 -1.28 4.50 -2.97
C GLU A 329 -1.96 5.29 -4.07
N LYS A 330 -3.17 4.88 -4.45
CA LYS A 330 -3.85 5.35 -5.68
C LYS A 330 -3.12 4.93 -6.98
N GLN A 331 -2.00 4.21 -6.86
CA GLN A 331 -1.25 3.73 -8.03
C GLN A 331 -1.85 2.36 -8.35
N LYS A 332 -2.22 2.12 -9.60
CA LYS A 332 -2.69 0.79 -9.99
C LYS A 332 -1.56 0.05 -10.68
N GLU A 333 -0.44 0.74 -10.91
CA GLU A 333 0.61 0.19 -11.75
C GLU A 333 1.90 1.00 -11.72
N ILE A 334 2.92 0.44 -12.37
CA ILE A 334 4.17 1.13 -12.60
C ILE A 334 4.29 1.39 -14.09
N LYS A 335 3.99 2.61 -14.49
CA LYS A 335 4.06 3.04 -15.89
C LYS A 335 5.45 3.60 -16.19
N PHE A 336 5.82 4.68 -15.52
CA PHE A 336 7.04 5.43 -15.81
C PHE A 336 8.25 4.98 -15.00
N GLU A 337 9.42 5.42 -15.48
CA GLU A 337 10.70 5.17 -14.82
C GLU A 337 10.64 5.77 -13.41
N SER A 338 10.04 6.95 -13.29
CA SER A 338 9.85 7.57 -11.99
C SER A 338 9.05 6.70 -11.04
N ASP A 339 8.02 6.06 -11.55
CA ASP A 339 7.23 5.14 -10.74
C ASP A 339 8.10 4.02 -10.22
N THR A 340 9.03 3.53 -11.03
CA THR A 340 9.80 2.35 -10.60
C THR A 340 10.79 2.77 -9.54
N ASN A 341 11.41 3.93 -9.72
CA ASN A 341 12.34 4.40 -8.72
C ASN A 341 11.64 4.49 -7.38
N THR A 342 10.58 5.29 -7.34
CA THR A 342 9.80 5.40 -6.11
C THR A 342 9.58 4.05 -5.41
N MET A 343 9.13 3.08 -6.16
CA MET A 343 8.74 1.85 -5.55
C MET A 343 9.96 1.24 -4.88
N SER A 344 11.08 1.33 -5.57
CA SER A 344 12.33 0.79 -5.09
C SER A 344 12.77 1.44 -3.80
N ILE A 345 12.79 2.76 -3.78
CA ILE A 345 13.05 3.49 -2.56
C ILE A 345 12.17 2.97 -1.44
N LYS A 346 10.88 2.83 -1.71
CA LYS A 346 9.98 2.33 -0.70
C LYS A 346 10.41 0.97 -0.14
N VAL A 347 10.80 0.05 -1.01
CA VAL A 347 11.26 -1.24 -0.51
C VAL A 347 12.49 -1.06 0.37
N GLN A 348 13.34 -0.14 -0.03
CA GLN A 348 14.60 0.07 0.68
C GLN A 348 14.35 0.70 2.00
N TYR A 349 13.56 1.76 1.99
CA TYR A 349 13.33 2.45 3.19
C TYR A 349 12.72 1.48 4.22
N LEU A 350 11.93 0.51 3.75
CA LEU A 350 11.38 -0.50 4.64
C LEU A 350 12.50 -1.32 5.22
N LEU A 351 13.38 -1.86 4.39
CA LEU A 351 14.51 -2.62 4.92
C LEU A 351 15.24 -1.82 5.99
N ALA A 352 15.37 -0.53 5.73
CA ALA A 352 16.02 0.38 6.66
C ALA A 352 15.34 0.46 8.02
N GLU A 353 14.02 0.59 8.01
CA GLU A 353 13.24 0.67 9.23
C GLU A 353 13.35 -0.62 10.03
N ILE A 354 13.25 -1.74 9.33
CA ILE A 354 13.42 -3.03 9.96
C ILE A 354 14.77 -3.06 10.72
N ASN A 355 15.83 -2.62 10.06
CA ASN A 355 17.14 -2.58 10.68
C ASN A 355 17.16 -1.63 11.91
N PHE A 356 16.43 -0.51 11.85
CA PHE A 356 16.46 0.48 12.94
C PHE A 356 15.77 -0.07 14.16
N TYR A 357 14.67 -0.77 13.92
CA TYR A 357 13.93 -1.43 14.98
C TYR A 357 14.83 -2.46 15.61
N CYS A 358 15.32 -3.38 14.80
CA CYS A 358 16.17 -4.44 15.29
C CYS A 358 17.33 -3.83 16.08
N LYS A 359 17.99 -2.81 15.57
CA LYS A 359 19.11 -2.23 16.32
C LYS A 359 18.67 -1.58 17.62
N THR A 360 17.72 -0.64 17.54
CA THR A 360 17.31 0.11 18.72
C THR A 360 16.70 -0.76 19.80
N ASN A 361 16.09 -1.87 19.41
CA ASN A 361 15.58 -2.87 20.36
C ASN A 361 16.60 -3.96 20.73
N LYS A 362 17.87 -3.71 20.45
CA LYS A 362 18.96 -4.57 20.90
C LYS A 362 18.82 -5.99 20.37
N LEU A 363 18.08 -6.15 19.29
CA LEU A 363 17.96 -7.44 18.67
C LEU A 363 19.21 -7.74 17.85
N SER A 364 19.77 -6.73 17.16
CA SER A 364 20.84 -6.98 16.17
C SER A 364 21.70 -5.76 15.81
N ASP A 365 23.00 -5.91 16.04
CA ASP A 365 24.02 -4.92 15.67
C ASP A 365 24.31 -4.77 14.16
N ALA A 366 23.61 -5.53 13.32
CA ALA A 366 24.01 -5.67 11.92
C ALA A 366 23.60 -4.48 11.09
N ASN A 367 24.31 -4.30 9.96
CA ASN A 367 23.85 -3.53 8.80
C ASN A 367 23.09 -4.44 7.83
N PHE A 368 21.77 -4.41 7.89
CA PHE A 368 20.95 -5.28 7.06
C PHE A 368 21.21 -5.06 5.60
N GLY A 369 21.36 -3.81 5.22
CA GLY A 369 21.52 -3.47 3.80
C GLY A 369 22.73 -4.14 3.19
N GLU A 370 23.77 -4.26 3.98
CA GLU A 370 24.97 -4.99 3.62
C GLU A 370 24.70 -6.44 3.19
N PHE A 371 23.62 -7.04 3.73
CA PHE A 371 23.20 -8.42 3.43
C PHE A 371 22.28 -8.51 2.21
N PHE A 372 21.41 -7.52 2.05
CA PHE A 372 20.49 -7.49 0.92
C PHE A 372 21.18 -7.05 -0.36
N ASP A 373 22.41 -6.57 -0.26
CA ASP A 373 23.21 -6.31 -1.46
C ASP A 373 23.75 -7.62 -2.06
N LYS A 374 23.67 -8.74 -1.35
CA LYS A 374 24.39 -9.98 -1.74
C LYS A 374 23.67 -10.93 -2.71
N GLU A 375 24.49 -11.56 -3.56
CA GLU A 375 24.09 -12.18 -4.84
C GLU A 375 22.73 -12.85 -4.91
N PRO A 376 22.40 -13.78 -3.96
CA PRO A 376 21.07 -14.46 -4.03
C PRO A 376 19.92 -13.56 -3.58
N HIS A 377 20.17 -12.86 -2.48
CA HIS A 377 19.15 -12.16 -1.72
C HIS A 377 18.59 -10.95 -2.48
N ALA A 378 19.51 -10.10 -2.94
CA ALA A 378 19.17 -8.93 -3.76
C ALA A 378 18.19 -9.28 -4.88
N THR A 379 18.51 -10.35 -5.60
CA THR A 379 17.72 -10.76 -6.74
C THR A 379 16.33 -11.28 -6.28
N GLU A 380 16.33 -12.13 -5.24
CA GLU A 380 15.09 -12.76 -4.80
C GLU A 380 14.14 -11.68 -4.32
N VAL A 381 14.64 -10.82 -3.44
CA VAL A 381 13.79 -9.77 -2.90
C VAL A 381 13.11 -9.05 -4.06
N ALA A 382 13.91 -8.55 -5.00
CA ALA A 382 13.40 -7.80 -6.16
C ALA A 382 12.28 -8.56 -6.84
N LYS A 383 12.56 -9.82 -7.15
CA LYS A 383 11.61 -10.65 -7.87
C LYS A 383 10.38 -10.83 -7.01
N ARG A 384 10.61 -11.05 -5.73
CA ARG A 384 9.50 -11.32 -4.83
C ARG A 384 8.61 -10.12 -4.60
N VAL A 385 9.17 -8.92 -4.54
CA VAL A 385 8.36 -7.72 -4.45
C VAL A 385 7.58 -7.53 -5.74
N LYS A 386 8.23 -7.78 -6.89
CA LYS A 386 7.56 -7.64 -8.17
C LYS A 386 6.37 -8.55 -8.20
N GLU A 387 6.58 -9.81 -7.84
CA GLU A 387 5.50 -10.78 -7.86
C GLU A 387 4.33 -10.37 -6.96
N GLY A 388 4.62 -10.02 -5.72
CA GLY A 388 3.59 -9.54 -4.83
C GLY A 388 2.81 -8.38 -5.43
N LEU A 389 3.50 -7.53 -6.16
CA LEU A 389 2.85 -6.35 -6.68
C LEU A 389 1.77 -6.76 -7.67
N VAL A 390 2.06 -7.73 -8.54
CA VAL A 390 1.11 -8.15 -9.60
C VAL A 390 -0.06 -8.94 -9.04
N GLN A 391 0.15 -9.57 -7.89
CA GLN A 391 -0.91 -10.27 -7.19
C GLN A 391 -1.76 -9.35 -6.29
N GLY A 392 -1.18 -8.25 -5.81
CA GLY A 392 -1.85 -7.39 -4.84
C GLY A 392 -1.57 -7.79 -3.40
N ALA A 393 -0.58 -8.65 -3.23
CA ALA A 393 -0.15 -9.07 -1.92
C ALA A 393 0.34 -7.86 -1.11
N GLU A 394 0.16 -7.94 0.20
CA GLU A 394 0.84 -7.00 1.09
C GLU A 394 2.34 -7.23 0.86
N ILE A 395 3.07 -6.15 0.58
CA ILE A 395 4.49 -6.28 0.29
C ILE A 395 5.30 -6.45 1.58
N GLU A 396 4.83 -5.78 2.63
CA GLU A 396 5.56 -5.76 3.88
C GLU A 396 5.90 -7.16 4.40
N PRO A 397 4.88 -8.05 4.46
CA PRO A 397 5.18 -9.39 4.96
C PRO A 397 6.21 -10.15 4.13
N ILE A 398 6.27 -9.90 2.82
CA ILE A 398 7.24 -10.59 1.96
C ILE A 398 8.64 -10.31 2.49
N ILE A 399 8.89 -9.04 2.78
CA ILE A 399 10.18 -8.62 3.27
C ILE A 399 10.37 -9.18 4.66
N TYR A 400 9.34 -9.09 5.52
CA TYR A 400 9.46 -9.63 6.89
C TYR A 400 9.79 -11.13 6.85
N ASN A 401 9.14 -11.85 5.93
CA ASN A 401 9.34 -13.30 5.79
C ASN A 401 10.74 -13.65 5.40
N TYR A 402 11.27 -12.97 4.40
CA TYR A 402 12.66 -13.17 4.01
C TYR A 402 13.62 -12.94 5.20
N ILE A 403 13.44 -11.85 5.93
CA ILE A 403 14.32 -11.53 7.04
C ILE A 403 14.23 -12.64 8.07
N ASN A 404 12.98 -13.09 8.33
CA ASN A 404 12.73 -14.17 9.28
C ASN A 404 13.27 -15.52 8.85
N SER A 405 13.29 -15.78 7.54
CA SER A 405 13.94 -17.00 7.02
C SER A 405 15.44 -16.97 7.27
N HIS A 406 16.03 -15.78 7.22
CA HIS A 406 17.49 -15.63 7.21
C HIS A 406 18.07 -15.05 8.49
N HIS A 407 17.21 -14.87 9.48
CA HIS A 407 17.53 -14.06 10.64
C HIS A 407 18.88 -14.27 11.34
N ALA A 408 19.50 -15.44 11.21
CA ALA A 408 20.82 -15.64 11.82
C ALA A 408 21.99 -14.95 11.06
N GLU A 409 21.94 -15.01 9.73
CA GLU A 409 22.86 -14.26 8.87
C GLU A 409 22.75 -12.76 9.18
N LEU A 410 21.53 -12.31 9.49
CA LEU A 410 21.24 -10.93 9.84
C LEU A 410 21.42 -10.62 11.32
N GLY A 411 22.22 -11.42 12.03
CA GLY A 411 22.59 -11.11 13.41
C GLY A 411 21.50 -11.21 14.46
N LEU A 412 20.37 -11.81 14.11
CA LEU A 412 19.28 -11.98 15.06
C LEU A 412 19.29 -13.41 15.59
N THR A 413 19.04 -13.52 16.89
CA THR A 413 18.93 -14.81 17.54
C THR A 413 17.55 -15.45 17.35
N SER A 414 16.57 -14.69 16.87
CA SER A 414 15.30 -15.27 16.48
C SER A 414 14.45 -14.35 15.61
N GLU A 415 13.37 -14.92 15.09
CA GLU A 415 12.41 -14.24 14.25
C GLU A 415 11.65 -13.10 14.93
N LEU A 416 10.80 -12.45 14.16
CA LEU A 416 10.07 -11.28 14.61
C LEU A 416 8.60 -11.64 14.75
N SER A 417 8.10 -11.61 15.97
CA SER A 417 6.68 -11.85 16.23
C SER A 417 5.78 -11.05 15.34
N SER A 418 4.57 -11.52 15.13
CA SER A 418 3.57 -10.71 14.45
C SER A 418 3.49 -9.32 15.10
N LYS A 419 3.69 -9.26 16.40
CA LYS A 419 3.61 -8.00 17.11
C LYS A 419 4.68 -7.09 16.56
N GLN A 420 5.93 -7.55 16.64
CA GLN A 420 7.05 -6.78 16.17
C GLN A 420 6.80 -6.28 14.74
N GLN A 421 6.38 -7.15 13.85
CA GLN A 421 6.09 -6.74 12.48
C GLN A 421 4.99 -5.68 12.33
N GLU A 422 3.97 -5.78 13.16
CA GLU A 422 2.89 -4.80 13.08
C GLU A 422 3.44 -3.43 13.45
N GLU A 423 4.36 -3.41 14.42
CA GLU A 423 4.95 -2.14 14.91
C GLU A 423 5.85 -1.49 13.89
N ILE A 424 6.58 -2.35 13.19
CA ILE A 424 7.52 -1.90 12.21
C ILE A 424 6.74 -1.23 11.09
N THR A 425 5.82 -1.98 10.49
CA THR A 425 4.96 -1.44 9.47
C THR A 425 4.34 -0.10 9.86
N GLU A 426 3.99 0.02 11.14
CA GLU A 426 3.46 1.25 11.69
C GLU A 426 4.43 2.43 11.51
N LYS A 427 5.62 2.34 12.11
CA LYS A 427 6.55 3.46 12.03
C LYS A 427 6.95 3.72 10.58
N PHE A 428 7.33 2.65 9.88
CA PHE A 428 7.60 2.72 8.43
C PHE A 428 6.62 3.63 7.70
N THR A 429 5.35 3.44 8.00
CA THR A 429 4.30 4.19 7.38
C THR A 429 4.28 5.64 7.87
N GLN A 430 4.27 5.84 9.19
CA GLN A 430 4.28 7.19 9.76
C GLN A 430 5.34 8.02 9.11
N ARG A 431 6.54 7.46 9.11
CA ARG A 431 7.75 8.17 8.74
C ARG A 431 7.85 8.36 7.27
N TYR A 432 7.50 7.32 6.51
CA TYR A 432 7.64 7.45 5.08
C TYR A 432 6.79 8.61 4.62
N HIS A 433 5.54 8.62 5.08
CA HIS A 433 4.63 9.68 4.74
C HIS A 433 5.27 11.00 5.01
N ILE A 434 5.92 11.08 6.17
CA ILE A 434 6.55 12.29 6.63
C ILE A 434 7.65 12.80 5.68
N ILE A 435 8.29 11.90 4.95
CA ILE A 435 9.46 12.28 4.13
C ILE A 435 9.20 12.15 2.64
N GLU A 436 7.97 11.79 2.26
CA GLU A 436 7.74 11.30 0.90
C GLU A 436 7.95 12.36 -0.14
N ASN A 437 7.92 13.62 0.24
CA ASN A 437 8.18 14.67 -0.71
C ASN A 437 9.57 15.20 -0.61
N SER A 438 10.50 14.48 0.01
CA SER A 438 11.82 15.08 0.16
C SER A 438 12.41 15.22 -1.24
N PRO A 439 13.04 16.35 -1.53
CA PRO A 439 13.76 16.40 -2.78
C PRO A 439 14.86 15.33 -2.92
N HIS A 440 15.37 14.76 -1.84
CA HIS A 440 16.37 13.70 -1.96
C HIS A 440 16.12 12.60 -0.97
N PHE A 441 16.30 11.37 -1.42
CA PHE A 441 16.11 10.22 -0.56
C PHE A 441 17.42 9.50 -0.20
N ASP A 442 18.54 10.13 -0.53
CA ASP A 442 19.87 9.60 -0.25
C ASP A 442 20.12 9.08 1.20
N GLU A 443 19.58 9.77 2.21
CA GLU A 443 19.84 9.44 3.62
C GLU A 443 18.82 10.04 4.59
N PHE A 444 18.55 9.35 5.69
CA PHE A 444 17.71 9.94 6.72
C PHE A 444 18.22 9.69 8.13
N PHE A 445 18.10 10.72 8.96
CA PHE A 445 18.44 10.62 10.37
C PHE A 445 17.20 10.29 11.18
N VAL A 446 17.20 9.11 11.75
CA VAL A 446 16.07 8.63 12.50
C VAL A 446 16.41 8.48 13.97
N ALA A 447 15.47 8.89 14.82
CA ALA A 447 15.58 8.79 16.27
C ALA A 447 14.28 8.22 16.85
N ASP A 448 14.40 7.44 17.93
CA ASP A 448 13.25 6.94 18.71
C ASP A 448 13.27 7.64 20.07
N PRO A 449 12.44 8.68 20.25
CA PRO A 449 12.50 9.40 21.53
C PRO A 449 11.89 8.68 22.72
N ASP A 450 11.38 7.46 22.54
CA ASP A 450 10.97 6.67 23.70
C ASP A 450 12.11 5.78 24.18
N LYS A 451 13.37 6.18 24.07
CA LYS A 451 14.46 5.33 24.52
C LYS A 451 15.60 6.12 25.17
N LYS A 452 16.38 5.42 25.98
CA LYS A 452 17.60 5.95 26.59
C LYS A 452 18.53 6.38 25.45
N GLY A 453 18.82 7.67 25.37
CA GLY A 453 19.68 8.14 24.29
C GLY A 453 20.06 9.58 24.37
N ASN A 454 21.12 9.91 23.67
CA ASN A 454 21.63 11.28 23.61
C ASN A 454 20.86 12.21 22.68
N ILE A 455 19.85 11.72 21.97
CA ILE A 455 19.11 12.58 21.02
C ILE A 455 17.65 12.85 21.42
N PHE A 456 17.26 14.10 21.26
CA PHE A 456 16.00 14.56 21.77
C PHE A 456 15.16 15.18 20.68
N SER A 457 13.82 15.08 20.80
CA SER A 457 12.90 15.90 20.02
C SER A 457 12.42 17.10 20.79
N HIS A 458 12.49 18.28 20.19
CA HIS A 458 12.04 19.52 20.84
C HIS A 458 11.81 20.56 19.77
N GLN A 459 10.63 21.15 19.76
CA GLN A 459 10.23 22.18 18.78
C GLN A 459 10.48 21.80 17.31
N GLY A 460 10.36 20.52 17.01
CA GLY A 460 10.48 20.06 15.64
C GLY A 460 11.92 20.06 15.19
N ARG A 461 12.82 19.83 16.16
CA ARG A 461 14.24 19.72 15.89
C ARG A 461 14.74 18.45 16.52
N MET A 462 15.66 17.78 15.87
CA MET A 462 16.28 16.60 16.41
C MET A 462 17.57 17.15 16.95
N SER A 463 17.87 16.90 18.23
CA SER A 463 18.79 17.74 18.98
C SER A 463 19.71 17.03 20.00
N CYS A 464 20.96 17.50 20.04
CA CYS A 464 22.01 17.11 21.05
C CYS A 464 21.78 18.10 22.20
N HIS A 465 22.30 17.81 23.39
CA HIS A 465 22.39 18.84 24.43
C HIS A 465 23.51 19.78 24.08
N PHE A 466 23.27 21.07 24.18
CA PHE A 466 24.31 22.00 23.78
C PHE A 466 25.62 21.66 24.43
N LEU A 467 25.54 21.37 25.73
CA LEU A 467 26.68 20.98 26.57
C LEU A 467 27.27 19.62 26.23
N ASP A 468 26.49 18.68 25.71
CA ASP A 468 27.08 17.42 25.23
C ASP A 468 28.02 17.72 24.04
N PHE A 469 27.54 18.56 23.15
CA PHE A 469 28.35 19.03 22.07
C PHE A 469 29.55 19.79 22.65
N PHE A 470 29.30 20.65 23.60
CA PHE A 470 30.39 21.47 24.12
C PHE A 470 31.56 20.66 24.71
N ALA A 471 31.21 19.69 25.53
CA ALA A 471 32.15 18.71 26.03
C ALA A 471 32.98 18.12 24.94
N ARG A 472 32.32 17.58 23.92
CA ARG A 472 33.04 16.87 22.87
C ARG A 472 33.81 17.83 21.96
N GLN A 473 33.21 18.95 21.60
CA GLN A 473 33.88 19.87 20.71
C GLN A 473 35.11 20.45 21.39
N THR A 474 35.12 20.59 22.72
CA THR A 474 36.33 21.08 23.42
C THR A 474 37.22 19.96 23.95
N LYS A 475 36.87 18.72 23.63
CA LYS A 475 37.60 17.56 24.13
C LYS A 475 37.87 17.59 25.64
N GLY A 476 36.97 18.17 26.44
CA GLY A 476 37.16 18.27 27.89
C GLY A 476 37.79 19.57 28.38
N LYS A 477 38.59 20.21 27.55
CA LYS A 477 39.37 21.37 27.99
C LYS A 477 38.68 22.47 28.84
N TYR A 478 37.74 23.20 28.30
CA TYR A 478 37.08 24.26 29.09
C TYR A 478 36.06 23.67 30.05
N PRO A 479 35.95 24.24 31.27
CA PRO A 479 35.17 23.61 32.32
C PRO A 479 33.75 24.13 32.43
N LEU A 480 32.83 23.22 32.73
CA LEU A 480 31.40 23.54 32.72
C LEU A 480 30.88 24.23 33.96
N GLY A 481 31.60 24.16 35.06
CA GLY A 481 31.17 24.89 36.25
C GLY A 481 29.79 24.47 36.69
N ASP A 482 28.94 25.44 37.01
CA ASP A 482 27.61 25.15 37.55
C ASP A 482 26.79 24.29 36.63
N LEU A 483 27.09 24.37 35.34
CA LEU A 483 26.33 23.62 34.37
C LEU A 483 26.81 22.20 34.26
N ALA A 484 27.79 21.79 35.05
CA ALA A 484 28.37 20.46 34.80
C ALA A 484 27.42 19.31 35.14
N GLY A 485 26.34 19.58 35.86
CA GLY A 485 25.34 18.53 36.11
C GLY A 485 24.22 18.31 35.08
N HIS A 486 24.12 19.23 34.12
CA HIS A 486 22.87 19.42 33.41
C HIS A 486 22.59 18.31 32.38
N GLN A 487 23.60 17.96 31.62
CA GLN A 487 23.46 16.90 30.67
C GLN A 487 22.88 15.66 31.34
N GLU A 488 23.60 15.13 32.32
CA GLU A 488 23.18 13.91 33.01
C GLU A 488 21.80 14.12 33.66
N ALA A 489 21.50 15.37 34.00
CA ALA A 489 20.20 15.74 34.58
C ALA A 489 19.06 15.53 33.63
N LEU A 490 19.16 16.03 32.42
CA LEU A 490 18.10 15.83 31.41
C LEU A 490 17.94 14.38 31.02
N GLN A 491 18.95 13.57 31.34
CA GLN A 491 18.98 12.17 30.97
C GLN A 491 18.13 11.33 31.90
N ALA A 492 18.26 11.57 33.20
CA ALA A 492 17.22 11.14 34.13
C ALA A 492 16.05 11.92 33.62
N GLY A 493 14.89 11.32 33.57
CA GLY A 493 13.80 12.05 32.96
C GLY A 493 13.02 11.04 32.20
N THR A 494 11.71 11.20 32.23
CA THR A 494 10.85 10.09 31.84
C THR A 494 10.91 9.93 30.35
N SER A 495 11.16 11.02 29.61
CA SER A 495 11.20 10.94 28.15
C SER A 495 12.36 11.68 27.50
N ASN A 496 12.44 11.55 26.18
CA ASN A 496 13.26 12.39 25.32
C ASN A 496 12.46 13.28 24.36
N ARG A 497 11.11 13.26 24.45
CA ARG A 497 10.26 14.23 23.76
C ARG A 497 10.09 15.38 24.72
N LEU A 498 10.57 16.56 24.39
CA LEU A 498 10.57 17.62 25.35
C LEU A 498 9.48 18.61 25.02
N HIS A 499 8.60 18.87 25.99
CA HIS A 499 7.46 19.71 25.73
C HIS A 499 7.90 21.04 25.13
N HIS A 500 7.23 21.45 24.07
CA HIS A 500 7.61 22.65 23.34
C HIS A 500 7.38 23.97 24.10
N LYS A 501 6.69 23.91 25.24
CA LYS A 501 6.45 25.07 26.10
C LYS A 501 7.05 24.73 27.43
N ASN A 502 7.62 25.72 28.10
CA ASN A 502 8.15 25.49 29.44
C ASN A 502 7.12 25.68 30.54
N GLU A 503 6.50 24.61 31.02
CA GLU A 503 5.40 24.80 31.95
C GLU A 503 5.82 25.56 33.22
N VAL A 504 7.08 25.40 33.65
CA VAL A 504 7.51 26.05 34.91
C VAL A 504 7.49 27.58 34.83
N VAL A 505 7.74 28.11 33.65
CA VAL A 505 7.70 29.57 33.41
C VAL A 505 6.25 30.03 33.19
N ALA A 506 5.56 29.45 32.22
CA ALA A 506 4.24 29.88 31.89
C ALA A 506 3.37 29.90 33.12
N GLN A 507 3.46 28.84 33.93
CA GLN A 507 2.81 28.77 35.22
C GLN A 507 1.29 28.59 35.21
N GLY A 508 0.70 28.45 34.03
CA GLY A 508 -0.76 28.29 33.99
C GLY A 508 -1.62 29.52 34.22
N TYR A 509 -1.03 30.72 34.14
CA TYR A 509 -1.79 31.96 33.86
C TYR A 509 -2.61 31.84 32.55
N GLU A 510 -2.08 31.13 31.56
CA GLU A 510 -2.74 30.97 30.26
C GLU A 510 -3.95 30.02 30.34
N LYS A 511 -3.83 28.97 31.16
CA LYS A 511 -4.90 27.99 31.37
C LYS A 511 -6.13 28.65 32.01
N PHE A 512 -5.87 29.59 32.93
CA PHE A 512 -6.89 30.44 33.53
C PHE A 512 -7.60 31.33 32.51
N ASP A 513 -6.96 31.68 31.41
CA ASP A 513 -7.64 32.46 30.38
C ASP A 513 -8.30 31.59 29.30
N GLN A 514 -7.67 30.45 28.99
CA GLN A 514 -8.35 29.38 28.25
C GLN A 514 -9.76 29.14 28.82
N PHE A 515 -9.88 29.30 30.15
CA PHE A 515 -11.14 29.15 30.90
C PHE A 515 -12.06 30.38 30.80
N LYS A 516 -11.63 31.53 31.33
CA LYS A 516 -12.39 32.79 31.23
C LYS A 516 -13.12 32.97 29.90
N LYS A 517 -12.51 32.52 28.80
CA LYS A 517 -13.11 32.72 27.47
C LYS A 517 -14.09 31.63 27.07
N GLU A 518 -14.09 30.50 27.79
CA GLU A 518 -15.16 29.51 27.65
C GLU A 518 -16.43 29.90 28.45
N VAL A 519 -16.26 30.76 29.47
CA VAL A 519 -17.39 31.32 30.23
C VAL A 519 -18.04 32.50 29.49
N VAL A 520 -17.26 33.17 28.62
CA VAL A 520 -17.80 34.10 27.60
C VAL A 520 -18.62 33.31 26.55
N LYS A 521 -18.11 32.15 26.15
CA LYS A 521 -18.76 31.25 25.18
C LYS A 521 -20.18 30.79 25.58
N LEU A 522 -20.52 30.87 26.87
CA LEU A 522 -21.88 30.51 27.35
C LEU A 522 -22.94 31.57 27.02
N LEU A 523 -22.55 32.84 27.01
CA LEU A 523 -23.37 33.91 26.40
C LEU A 523 -22.80 34.26 25.04
N LEU B 1 -12.80 -18.30 -19.50
CA LEU B 1 -13.78 -17.92 -20.57
C LEU B 1 -13.66 -18.74 -21.89
N ALA B 2 -12.52 -19.34 -22.14
CA ALA B 2 -12.41 -20.29 -23.25
C ALA B 2 -13.24 -21.57 -23.07
N MET B 3 -13.71 -21.85 -21.84
CA MET B 3 -14.45 -23.09 -21.52
C MET B 3 -15.74 -23.15 -22.32
N ALA B 4 -16.47 -22.04 -22.30
CA ALA B 4 -17.71 -21.88 -23.05
C ALA B 4 -17.39 -21.75 -24.54
N LEU B 5 -16.43 -20.89 -24.87
CA LEU B 5 -16.01 -20.71 -26.26
C LEU B 5 -15.58 -22.05 -26.89
N LYS B 6 -15.26 -23.05 -26.08
CA LYS B 6 -15.00 -24.39 -26.61
C LYS B 6 -16.29 -25.15 -26.74
N ARG B 7 -17.18 -24.97 -25.77
CA ARG B 7 -18.52 -25.59 -25.77
C ARG B 7 -19.40 -25.13 -26.94
N ILE B 8 -19.62 -23.83 -27.06
CA ILE B 8 -20.39 -23.29 -28.17
C ILE B 8 -19.87 -23.81 -29.54
N ASN B 9 -18.62 -23.54 -29.87
CA ASN B 9 -17.97 -24.11 -31.07
C ASN B 9 -18.31 -25.60 -31.28
N LYS B 10 -18.48 -26.36 -30.20
CA LYS B 10 -18.98 -27.73 -30.31
C LYS B 10 -20.38 -27.68 -30.88
N GLU B 11 -21.32 -27.13 -30.11
CA GLU B 11 -22.71 -27.01 -30.53
C GLU B 11 -22.92 -26.44 -31.95
N LEU B 12 -22.05 -25.55 -32.42
CA LEU B 12 -22.13 -25.00 -33.78
C LEU B 12 -21.68 -26.03 -34.83
N SER B 13 -20.58 -26.71 -34.55
CA SER B 13 -20.09 -27.79 -35.41
C SER B 13 -21.05 -28.98 -35.44
N ASP B 14 -21.87 -29.13 -34.39
CA ASP B 14 -22.96 -30.12 -34.37
C ASP B 14 -24.09 -29.71 -35.31
N LEU B 15 -24.60 -28.50 -35.09
CA LEU B 15 -25.71 -27.99 -35.88
C LEU B 15 -25.34 -27.82 -37.34
N ALA B 16 -24.09 -27.46 -37.61
CA ALA B 16 -23.60 -27.33 -38.99
C ALA B 16 -23.70 -28.64 -39.78
N ARG B 17 -23.08 -29.69 -39.25
CA ARG B 17 -22.99 -30.98 -39.95
C ARG B 17 -24.38 -31.62 -40.14
N ASP B 18 -25.16 -31.68 -39.06
CA ASP B 18 -26.52 -32.24 -39.08
C ASP B 18 -27.55 -31.23 -38.56
N PRO B 19 -28.08 -30.35 -39.45
CA PRO B 19 -29.09 -29.38 -38.98
C PRO B 19 -30.48 -30.01 -38.71
N PRO B 20 -31.33 -29.34 -37.90
CA PRO B 20 -32.73 -29.77 -37.90
C PRO B 20 -33.47 -29.25 -39.15
N ALA B 21 -34.41 -30.03 -39.68
CA ALA B 21 -35.10 -29.66 -40.93
C ALA B 21 -35.82 -28.32 -40.77
N GLN B 22 -36.40 -28.10 -39.59
CA GLN B 22 -37.26 -26.93 -39.31
C GLN B 22 -36.60 -25.83 -38.44
N CYS B 23 -35.30 -25.99 -38.12
CA CYS B 23 -34.56 -25.00 -37.32
C CYS B 23 -33.13 -24.71 -37.81
N SER B 24 -32.61 -23.58 -37.38
CA SER B 24 -31.28 -23.18 -37.76
C SER B 24 -30.79 -22.04 -36.85
N ALA B 25 -29.48 -22.05 -36.57
CA ALA B 25 -28.86 -21.08 -35.70
C ALA B 25 -27.38 -20.93 -36.00
N GLY B 26 -26.84 -19.75 -35.68
CA GLY B 26 -25.44 -19.46 -35.85
C GLY B 26 -25.10 -18.08 -35.31
N PRO B 27 -23.80 -17.76 -35.21
CA PRO B 27 -23.34 -16.47 -34.72
C PRO B 27 -23.38 -15.41 -35.82
N VAL B 28 -23.25 -14.14 -35.43
CA VAL B 28 -23.02 -13.06 -36.38
C VAL B 28 -21.71 -12.35 -36.00
N GLY B 29 -20.90 -12.07 -37.02
CA GLY B 29 -19.56 -11.56 -36.79
C GLY B 29 -18.66 -12.62 -36.17
N ASP B 30 -17.47 -12.17 -35.75
CA ASP B 30 -16.49 -13.03 -35.08
C ASP B 30 -16.90 -13.33 -33.61
N ASP B 31 -17.84 -12.53 -33.08
CA ASP B 31 -18.45 -12.81 -31.77
C ASP B 31 -19.18 -14.15 -31.81
N MET B 32 -18.93 -15.01 -30.81
CA MET B 32 -19.49 -16.36 -30.76
C MET B 32 -20.49 -16.51 -29.64
N PHE B 33 -20.74 -15.42 -28.90
CA PHE B 33 -21.66 -15.42 -27.77
C PHE B 33 -23.06 -14.89 -28.12
N HIS B 34 -23.17 -14.15 -29.22
CA HIS B 34 -24.45 -13.69 -29.74
C HIS B 34 -24.76 -14.54 -30.97
N TRP B 35 -25.87 -15.25 -30.92
CA TRP B 35 -26.33 -16.07 -32.04
C TRP B 35 -27.63 -15.53 -32.56
N GLN B 36 -27.98 -16.01 -33.75
CA GLN B 36 -29.27 -15.77 -34.34
C GLN B 36 -29.82 -17.14 -34.71
N ALA B 37 -31.11 -17.35 -34.47
CA ALA B 37 -31.74 -18.61 -34.82
C ALA B 37 -33.07 -18.36 -35.53
N THR B 38 -33.54 -19.38 -36.25
CA THR B 38 -34.83 -19.34 -36.91
C THR B 38 -35.57 -20.65 -36.73
N ILE B 39 -36.79 -20.52 -36.26
CA ILE B 39 -37.73 -21.61 -36.20
C ILE B 39 -38.69 -21.31 -37.33
N MET B 40 -39.15 -22.35 -38.00
CA MET B 40 -40.27 -22.17 -38.91
C MET B 40 -41.48 -22.89 -38.41
N GLY B 41 -42.58 -22.16 -38.27
CA GLY B 41 -43.82 -22.73 -37.73
C GLY B 41 -44.14 -24.11 -38.28
N PRO B 42 -44.67 -25.01 -37.44
CA PRO B 42 -44.96 -26.36 -37.92
C PRO B 42 -46.18 -26.45 -38.79
N ASN B 43 -46.22 -27.49 -39.62
CA ASN B 43 -47.21 -27.66 -40.69
C ASN B 43 -48.60 -28.07 -40.18
N ASP B 44 -48.79 -28.21 -38.87
CA ASP B 44 -50.12 -28.48 -38.28
C ASP B 44 -50.42 -27.39 -37.26
N SER B 45 -50.28 -26.15 -37.68
CA SER B 45 -50.50 -25.01 -36.82
C SER B 45 -50.86 -23.78 -37.62
N PRO B 46 -51.47 -22.79 -36.99
CA PRO B 46 -51.62 -21.50 -37.64
C PRO B 46 -50.30 -20.83 -38.01
N TYR B 47 -49.23 -21.23 -37.35
CA TYR B 47 -47.94 -20.63 -37.59
C TYR B 47 -47.27 -21.25 -38.82
N GLN B 48 -47.83 -22.33 -39.35
CA GLN B 48 -47.32 -22.95 -40.59
C GLN B 48 -46.90 -21.95 -41.63
N GLY B 49 -45.85 -22.29 -42.37
CA GLY B 49 -45.38 -21.47 -43.47
C GLY B 49 -44.46 -20.37 -42.98
N GLY B 50 -44.87 -19.67 -41.92
CA GLY B 50 -44.15 -18.49 -41.47
C GLY B 50 -42.81 -18.79 -40.84
N VAL B 51 -41.90 -17.81 -40.92
CA VAL B 51 -40.54 -18.00 -40.43
C VAL B 51 -40.18 -16.99 -39.33
N PHE B 52 -39.87 -17.54 -38.15
CA PHE B 52 -39.62 -16.74 -36.96
C PHE B 52 -38.15 -16.71 -36.61
N PHE B 53 -37.63 -15.51 -36.40
CA PHE B 53 -36.26 -15.34 -35.95
C PHE B 53 -36.19 -15.24 -34.43
N LEU B 54 -35.07 -15.70 -33.89
CA LEU B 54 -34.74 -15.51 -32.49
C LEU B 54 -33.29 -15.10 -32.37
N THR B 55 -32.98 -14.54 -31.19
CA THR B 55 -31.61 -14.22 -30.76
C THR B 55 -31.28 -15.04 -29.53
N ILE B 56 -30.18 -15.77 -29.62
CA ILE B 56 -29.63 -16.51 -28.49
C ILE B 56 -28.40 -15.73 -27.96
N HIS B 57 -28.52 -15.15 -26.75
CA HIS B 57 -27.37 -14.56 -26.05
C HIS B 57 -26.87 -15.55 -24.97
N PHE B 58 -25.73 -16.18 -25.24
CA PHE B 58 -25.05 -17.07 -24.31
C PHE B 58 -24.37 -16.29 -23.16
N PRO B 59 -24.20 -16.93 -21.97
CA PRO B 59 -23.43 -16.33 -20.86
C PRO B 59 -21.95 -16.73 -20.86
N THR B 60 -21.15 -16.08 -20.02
CA THR B 60 -19.73 -16.45 -19.92
C THR B 60 -19.49 -17.83 -19.27
N ASP B 61 -20.34 -18.22 -18.33
CA ASP B 61 -20.24 -19.55 -17.66
C ASP B 61 -21.09 -20.68 -18.25
N TYR B 62 -21.58 -20.51 -19.47
CA TYR B 62 -22.25 -21.59 -20.21
C TYR B 62 -21.29 -22.78 -20.23
N PRO B 63 -21.82 -24.00 -20.15
CA PRO B 63 -23.19 -24.48 -20.11
C PRO B 63 -23.78 -24.56 -18.73
N PHE B 64 -23.14 -23.92 -17.76
CA PHE B 64 -23.58 -24.02 -16.36
C PHE B 64 -24.60 -22.93 -16.04
N LYS B 65 -25.00 -22.19 -17.08
CA LYS B 65 -26.23 -21.39 -17.04
C LYS B 65 -26.97 -21.61 -18.34
N PRO B 66 -28.27 -21.27 -18.39
CA PRO B 66 -28.98 -21.35 -19.66
C PRO B 66 -28.63 -20.16 -20.55
N PRO B 67 -28.92 -20.27 -21.85
CA PRO B 67 -28.83 -19.13 -22.74
C PRO B 67 -30.10 -18.29 -22.67
N LYS B 68 -29.98 -17.00 -23.05
CA LYS B 68 -31.15 -16.13 -23.21
C LYS B 68 -31.60 -16.28 -24.65
N VAL B 69 -32.74 -16.93 -24.83
CA VAL B 69 -33.37 -17.12 -26.12
C VAL B 69 -34.66 -16.33 -26.14
N ALA B 70 -34.84 -15.53 -27.19
CA ALA B 70 -36.06 -14.73 -27.37
C ALA B 70 -36.36 -14.49 -28.86
N PHE B 71 -37.65 -14.34 -29.17
CA PHE B 71 -38.09 -14.08 -30.55
C PHE B 71 -37.86 -12.65 -30.93
N THR B 72 -37.20 -12.44 -32.06
CA THR B 72 -37.13 -11.11 -32.66
C THR B 72 -38.46 -10.88 -33.39
N THR B 73 -38.92 -11.90 -34.11
CA THR B 73 -40.17 -11.86 -34.89
C THR B 73 -41.43 -11.88 -34.02
N ARG B 74 -42.36 -10.96 -34.28
CA ARG B 74 -43.71 -10.96 -33.66
C ARG B 74 -44.51 -12.29 -33.87
N ILE B 75 -45.12 -12.77 -32.80
CA ILE B 75 -45.89 -14.02 -32.86
C ILE B 75 -47.01 -13.93 -31.85
N TYR B 76 -48.23 -14.23 -32.27
CA TYR B 76 -49.37 -14.18 -31.38
C TYR B 76 -49.50 -15.56 -30.79
N HIS B 77 -48.94 -15.71 -29.61
CA HIS B 77 -48.84 -16.99 -28.92
C HIS B 77 -49.00 -16.70 -27.45
N PRO B 78 -49.55 -17.64 -26.68
CA PRO B 78 -49.80 -17.39 -25.25
C PRO B 78 -48.56 -17.28 -24.36
N ASN B 79 -47.46 -17.91 -24.80
CA ASN B 79 -46.25 -18.08 -24.00
C ASN B 79 -45.10 -17.20 -24.44
N ILE B 80 -45.40 -16.24 -25.29
CA ILE B 80 -44.39 -15.35 -25.87
C ILE B 80 -44.99 -13.95 -25.93
N ASN B 81 -44.18 -12.91 -25.71
CA ASN B 81 -44.68 -11.53 -25.56
C ASN B 81 -44.01 -10.48 -26.45
N SER B 82 -44.52 -9.24 -26.40
CA SER B 82 -43.97 -8.12 -27.16
C SER B 82 -42.48 -7.86 -26.89
N ASN B 83 -42.05 -8.02 -25.64
CA ASN B 83 -40.63 -8.01 -25.32
C ASN B 83 -39.87 -8.96 -26.27
N GLY B 84 -40.48 -10.11 -26.57
CA GLY B 84 -39.86 -11.18 -27.35
C GLY B 84 -39.69 -12.43 -26.50
N SER B 85 -39.86 -12.25 -25.18
CA SER B 85 -39.50 -13.25 -24.17
C SER B 85 -40.39 -14.48 -24.21
N ILE B 86 -39.75 -15.62 -24.35
CA ILE B 86 -40.42 -16.90 -24.27
C ILE B 86 -40.52 -17.19 -22.78
N SER B 87 -41.51 -18.01 -22.39
CA SER B 87 -41.47 -18.67 -21.08
C SER B 87 -41.38 -20.16 -21.35
N LEU B 88 -40.30 -20.76 -20.89
CA LEU B 88 -40.05 -22.16 -21.15
C LEU B 88 -39.17 -22.66 -20.01
N ASP B 89 -39.67 -23.65 -19.27
CA ASP B 89 -38.98 -24.15 -18.11
C ASP B 89 -37.46 -24.30 -18.32
N ILE B 90 -37.04 -24.91 -19.43
CA ILE B 90 -35.62 -25.25 -19.64
C ILE B 90 -34.69 -24.05 -19.79
N LEU B 91 -35.24 -22.88 -20.07
CA LEU B 91 -34.50 -21.63 -20.08
C LEU B 91 -34.39 -21.02 -18.70
N ARG B 92 -35.30 -21.41 -17.82
CA ARG B 92 -35.38 -20.86 -16.49
C ARG B 92 -34.87 -21.94 -15.54
N SER B 93 -35.75 -22.83 -15.09
CA SER B 93 -35.41 -23.72 -13.99
C SER B 93 -34.72 -25.02 -14.43
N GLN B 94 -35.25 -25.71 -15.42
CA GLN B 94 -34.76 -27.05 -15.81
C GLN B 94 -33.49 -27.11 -16.67
N TRP B 95 -32.70 -26.04 -16.70
CA TRP B 95 -31.51 -26.03 -17.55
C TRP B 95 -30.46 -27.05 -17.07
N SER B 96 -29.77 -27.66 -18.03
CA SER B 96 -28.67 -28.57 -17.78
C SER B 96 -27.64 -28.42 -18.89
N PRO B 97 -26.40 -28.90 -18.67
CA PRO B 97 -25.36 -28.86 -19.69
C PRO B 97 -25.66 -29.81 -20.83
N ALA B 98 -26.12 -31.00 -20.48
CA ALA B 98 -26.70 -31.96 -21.42
C ALA B 98 -27.58 -31.33 -22.49
N LEU B 99 -28.26 -30.23 -22.16
CA LEU B 99 -29.17 -29.60 -23.09
C LEU B 99 -28.42 -28.79 -24.13
N THR B 100 -28.74 -29.06 -25.39
CA THR B 100 -28.18 -28.33 -26.54
C THR B 100 -29.02 -27.07 -26.74
N ILE B 101 -28.48 -26.13 -27.51
CA ILE B 101 -29.25 -24.98 -27.91
C ILE B 101 -30.28 -25.42 -28.92
N SER B 102 -30.00 -26.51 -29.61
CA SER B 102 -30.97 -27.12 -30.51
C SER B 102 -32.23 -27.50 -29.74
N LYS B 103 -32.06 -28.36 -28.72
CA LYS B 103 -33.20 -28.86 -27.96
C LYS B 103 -34.06 -27.75 -27.40
N VAL B 104 -33.46 -26.57 -27.20
CA VAL B 104 -34.24 -25.40 -26.87
C VAL B 104 -35.13 -25.07 -28.06
N LEU B 105 -34.50 -24.91 -29.21
CA LEU B 105 -35.22 -24.61 -30.44
C LEU B 105 -36.35 -25.62 -30.62
N LEU B 106 -36.01 -26.91 -30.66
CA LEU B 106 -37.02 -27.98 -30.70
C LEU B 106 -38.15 -27.76 -29.71
N SER B 107 -37.82 -27.46 -28.46
CA SER B 107 -38.84 -27.20 -27.46
C SER B 107 -39.65 -25.96 -27.79
N ILE B 108 -39.04 -24.97 -28.44
CA ILE B 108 -39.78 -23.79 -28.84
C ILE B 108 -40.71 -24.16 -30.02
N CYS B 109 -40.28 -25.08 -30.89
CA CYS B 109 -41.17 -25.67 -31.90
C CYS B 109 -42.45 -26.22 -31.27
N SER B 110 -42.31 -27.20 -30.38
CA SER B 110 -43.46 -27.85 -29.73
C SER B 110 -44.40 -26.85 -29.06
N LEU B 111 -43.80 -25.83 -28.45
CA LEU B 111 -44.56 -24.80 -27.75
C LEU B 111 -45.60 -24.16 -28.67
N LEU B 112 -45.20 -23.94 -29.92
CA LEU B 112 -46.10 -23.41 -30.93
C LEU B 112 -47.16 -24.42 -31.37
N CYS B 113 -46.73 -25.67 -31.55
CA CYS B 113 -47.59 -26.76 -32.03
C CYS B 113 -48.55 -27.28 -30.95
N ASP B 114 -48.25 -26.97 -29.69
CA ASP B 114 -48.89 -27.64 -28.59
C ASP B 114 -48.98 -26.69 -27.40
N PRO B 115 -49.38 -25.42 -27.64
CA PRO B 115 -49.24 -24.30 -26.69
C PRO B 115 -49.88 -24.58 -25.32
N ASN B 116 -49.20 -24.18 -24.25
CA ASN B 116 -49.71 -24.36 -22.88
C ASN B 116 -50.19 -23.02 -22.28
N PRO B 117 -51.51 -22.90 -21.99
CA PRO B 117 -52.11 -21.65 -21.48
C PRO B 117 -52.16 -21.53 -19.96
N ASP B 118 -51.78 -22.59 -19.26
CA ASP B 118 -51.75 -22.59 -17.79
C ASP B 118 -50.50 -21.89 -17.23
N ASP B 119 -49.49 -21.65 -18.08
CA ASP B 119 -48.30 -20.87 -17.71
C ASP B 119 -48.24 -19.56 -18.53
N PRO B 120 -49.32 -18.75 -18.50
CA PRO B 120 -49.51 -17.66 -19.45
C PRO B 120 -48.59 -16.46 -19.22
N LEU B 121 -47.69 -16.24 -20.17
CA LEU B 121 -46.93 -15.02 -20.19
C LEU B 121 -47.82 -13.82 -20.62
N VAL B 122 -48.87 -14.09 -21.40
CA VAL B 122 -49.82 -13.05 -21.85
C VAL B 122 -51.27 -13.54 -21.65
N PRO B 123 -51.82 -13.34 -20.44
CA PRO B 123 -53.19 -13.74 -20.12
C PRO B 123 -54.31 -13.33 -21.11
N GLU B 124 -54.16 -12.19 -21.79
CA GLU B 124 -55.18 -11.77 -22.76
C GLU B 124 -55.40 -12.83 -23.84
N ILE B 125 -54.31 -13.22 -24.48
CA ILE B 125 -54.28 -14.28 -25.49
C ILE B 125 -54.65 -15.65 -24.90
N ALA B 126 -54.25 -15.89 -23.66
CA ALA B 126 -54.57 -17.15 -22.99
C ALA B 126 -56.07 -17.31 -22.78
N ARG B 127 -56.76 -16.21 -22.44
CA ARG B 127 -58.22 -16.19 -22.34
C ARG B 127 -58.82 -16.68 -23.66
N ILE B 128 -58.26 -16.15 -24.74
CA ILE B 128 -58.80 -16.38 -26.06
C ILE B 128 -58.48 -17.77 -26.59
N TYR B 129 -57.31 -18.32 -26.24
CA TYR B 129 -56.97 -19.69 -26.66
C TYR B 129 -57.98 -20.71 -26.12
N LYS B 130 -58.36 -20.51 -24.85
CA LYS B 130 -59.19 -21.45 -24.07
C LYS B 130 -60.70 -21.30 -24.30
N THR B 131 -61.15 -20.14 -24.75
CA THR B 131 -62.58 -19.90 -25.04
C THR B 131 -62.97 -19.93 -26.55
N ASP B 132 -62.01 -19.70 -27.46
CA ASP B 132 -62.33 -19.68 -28.90
C ASP B 132 -61.09 -19.94 -29.79
N ARG B 133 -60.82 -21.20 -30.10
CA ARG B 133 -59.67 -21.53 -30.91
C ARG B 133 -59.77 -20.91 -32.30
N ASP B 134 -60.97 -20.87 -32.84
CA ASP B 134 -61.14 -20.31 -34.17
C ASP B 134 -60.65 -18.87 -34.11
N LYS B 135 -61.04 -18.14 -33.08
CA LYS B 135 -60.58 -16.77 -32.93
C LYS B 135 -59.08 -16.73 -32.73
N TYR B 136 -58.57 -17.68 -31.95
CA TYR B 136 -57.13 -17.72 -31.68
C TYR B 136 -56.37 -17.96 -32.96
N ASN B 137 -56.77 -19.02 -33.65
CA ASN B 137 -56.16 -19.44 -34.92
C ASN B 137 -56.18 -18.36 -36.02
N ARG B 138 -57.36 -17.85 -36.31
CA ARG B 138 -57.54 -16.78 -37.32
C ARG B 138 -56.58 -15.62 -37.09
N ILE B 139 -56.33 -15.32 -35.82
CA ILE B 139 -55.48 -14.22 -35.45
C ILE B 139 -54.05 -14.65 -35.49
N SER B 140 -53.74 -15.75 -34.82
CA SER B 140 -52.39 -16.23 -34.79
C SER B 140 -51.92 -16.58 -36.19
N ARG B 141 -52.87 -16.87 -37.10
CA ARG B 141 -52.55 -17.05 -38.52
C ARG B 141 -52.34 -15.73 -39.25
N GLU B 142 -53.20 -14.76 -39.00
CA GLU B 142 -53.04 -13.43 -39.60
C GLU B 142 -51.71 -12.82 -39.19
N TRP B 143 -51.30 -13.01 -37.94
CA TRP B 143 -50.04 -12.47 -37.44
C TRP B 143 -48.83 -13.17 -38.06
N THR B 144 -48.95 -14.48 -38.26
CA THR B 144 -47.94 -15.22 -38.98
C THR B 144 -47.74 -14.61 -40.37
N GLN B 145 -48.84 -14.34 -41.08
CA GLN B 145 -48.74 -13.82 -42.46
C GLN B 145 -48.20 -12.40 -42.54
N LYS B 146 -48.68 -11.51 -41.66
CA LYS B 146 -48.17 -10.14 -41.65
C LYS B 146 -46.69 -10.12 -41.32
N TYR B 147 -46.35 -10.55 -40.10
CA TYR B 147 -45.02 -10.33 -39.53
C TYR B 147 -43.99 -11.43 -39.82
N ALA B 148 -44.40 -12.60 -40.31
CA ALA B 148 -43.45 -13.70 -40.49
C ALA B 148 -43.43 -14.33 -41.88
N MET B 149 -43.73 -13.54 -42.92
CA MET B 149 -43.58 -14.01 -44.30
C MET B 149 -43.00 -12.90 -45.19
#